data_7PDY
#
_entry.id   7PDY
#
_cell.length_a   238.538
_cell.length_b   238.538
_cell.length_c   76.521
_cell.angle_alpha   90.000
_cell.angle_beta   90.000
_cell.angle_gamma   120.000
#
_symmetry.space_group_name_H-M   'P 32 2 1'
#
loop_
_entity.id
_entity.type
_entity.pdbx_description
1 polymer 'MHC class II alpha chain'
2 polymer '38 kDa phosphoprotein,MHC class II beta chain'
3 branched 2-acetamido-2-deoxy-beta-D-glucopyranose-(1-4)-2-acetamido-2-deoxy-beta-D-glucopyranose
4 non-polymer 2-acetamido-2-deoxy-beta-D-glucopyranose
5 non-polymer GLYCEROL
6 non-polymer 'ACETATE ION'
7 non-polymer DI(HYDROXYETHYL)ETHER
8 water water
#
loop_
_entity_poly.entity_id
_entity_poly.type
_entity_poly.pdbx_seq_one_letter_code
_entity_poly.pdbx_strand_id
1 'polypeptide(L)'
;DRRHVLLQAEFYQRSEGPDKAWAQFGFHFDADELFHVELDAAQTVWRLPEFGRFASFEAQGALQNMAVGKQNLEVMISNS
NRSQQDFVTPELALFPAEAVSLEEPNVLICYADKFWPPVATMEWRRNGAVVSEGVYDSVYYGRPDLLFRKFSYLPFVPQR
GDVYSCAVRHWGAEGPVQRMWEPEVPEPPSE
;
A,C,E
2 'polypeptide(L)'
;DRPAVVHSVRALMLAERQGGGGSGGGGSGGGGSFFYGKIGECHYLNGTERVRFLDRQIYNRQQFAHFDSDVGKFVADTPL
GEPQAEYWNSNAELLENLMNEVDRVCRHNYGILESFTVQRSVEPKVRVSALQSGSLPETDRLACYVTGFYPPEIEVKWFL
NGREETERVVSTDVMQNGDWTYQVLVVLETVPRRGDSYVCRVEHASLRQPISQAWEPPADAGRSK
;
B,D,F
#
# COMPACT_ATOMS: atom_id res chain seq x y z
N ARG A 2 -27.75 -23.27 16.63
CA ARG A 2 -28.08 -22.61 17.94
C ARG A 2 -28.01 -21.09 17.79
N ARG A 3 -28.56 -20.35 18.75
CA ARG A 3 -28.59 -18.86 18.72
C ARG A 3 -27.64 -18.34 19.80
N HIS A 4 -27.00 -17.19 19.56
CA HIS A 4 -26.03 -16.56 20.48
C HIS A 4 -26.38 -15.08 20.57
N VAL A 5 -25.96 -14.40 21.65
CA VAL A 5 -26.18 -12.93 21.83
C VAL A 5 -24.87 -12.28 22.29
N LEU A 6 -24.51 -11.16 21.66
CA LEU A 6 -23.38 -10.31 22.14
C LEU A 6 -23.98 -9.01 22.66
N LEU A 7 -23.71 -8.67 23.92
CA LEU A 7 -24.38 -7.54 24.60
C LEU A 7 -23.31 -6.47 24.88
N GLN A 8 -23.65 -5.22 24.56
CA GLN A 8 -22.96 -4.04 25.14
C GLN A 8 -23.85 -3.51 26.25
N ALA A 9 -23.49 -3.73 27.51
CA ALA A 9 -24.34 -3.31 28.64
C ALA A 9 -23.69 -2.13 29.34
N GLU A 10 -24.43 -1.03 29.45
CA GLU A 10 -23.98 0.19 30.15
C GLU A 10 -25.01 0.50 31.25
N PHE A 11 -24.55 0.90 32.43
CA PHE A 11 -25.44 1.44 33.48
C PHE A 11 -24.76 2.67 34.14
N TYR A 12 -25.56 3.68 34.41
CA TYR A 12 -25.13 4.92 35.09
C TYR A 12 -26.15 5.22 36.18
N GLN A 13 -25.74 5.24 37.44
CA GLN A 13 -26.69 5.34 38.57
C GLN A 13 -26.14 6.27 39.66
N ARG A 14 -27.05 6.95 40.35
CA ARG A 14 -26.70 7.73 41.55
C ARG A 14 -27.79 7.57 42.61
N SER A 15 -27.38 7.58 43.87
CA SER A 15 -28.29 7.52 45.04
C SER A 15 -28.09 8.82 45.81
N GLU A 16 -29.15 9.34 46.43
CA GLU A 16 -29.09 10.67 47.10
C GLU A 16 -29.16 10.52 48.61
N GLY A 17 -29.87 9.53 49.15
CA GLY A 17 -30.00 9.46 50.62
C GLY A 17 -28.64 9.48 51.28
N PRO A 18 -27.76 8.51 50.98
CA PRO A 18 -26.31 8.67 51.18
C PRO A 18 -26.02 9.09 49.72
N ASP A 19 -25.21 10.11 49.49
CA ASP A 19 -24.89 10.58 48.11
C ASP A 19 -23.78 9.67 47.56
N LYS A 20 -24.04 8.95 46.48
CA LYS A 20 -23.03 8.09 45.81
C LYS A 20 -23.42 7.92 44.35
N ALA A 21 -22.47 7.57 43.49
CA ALA A 21 -22.71 7.39 42.04
C ALA A 21 -21.83 6.28 41.50
N TRP A 22 -22.30 5.60 40.45
CA TRP A 22 -21.62 4.39 39.90
C TRP A 22 -21.82 4.45 38.39
N ALA A 23 -20.91 3.82 37.63
CA ALA A 23 -21.11 3.62 36.18
C ALA A 23 -20.37 2.36 35.71
N GLN A 24 -20.90 1.69 34.68
CA GLN A 24 -20.27 0.44 34.16
C GLN A 24 -20.44 0.35 32.65
N PHE A 25 -19.40 -0.15 31.96
CA PHE A 25 -19.45 -0.47 30.51
C PHE A 25 -18.83 -1.84 30.33
N GLY A 26 -19.60 -2.78 29.77
CA GLY A 26 -19.12 -4.16 29.59
C GLY A 26 -19.64 -4.81 28.32
N PHE A 27 -18.87 -5.78 27.81
CA PHE A 27 -19.32 -6.63 26.67
C PHE A 27 -19.54 -8.05 27.21
N HIS A 28 -20.70 -8.61 26.90
CA HIS A 28 -21.09 -9.95 27.41
C HIS A 28 -21.48 -10.87 26.25
N PHE A 29 -20.93 -12.08 26.22
CA PHE A 29 -21.29 -13.14 25.23
C PHE A 29 -22.22 -14.16 25.88
N ASP A 30 -23.52 -14.09 25.57
CA ASP A 30 -24.56 -14.86 26.29
C ASP A 30 -24.52 -14.39 27.76
N ALA A 31 -24.26 -15.28 28.72
CA ALA A 31 -24.32 -14.94 30.16
C ALA A 31 -22.93 -14.64 30.72
N ASP A 32 -21.86 -14.75 29.94
CA ASP A 32 -20.47 -14.56 30.45
C ASP A 32 -19.97 -13.17 30.00
N GLU A 33 -18.99 -12.63 30.71
CA GLU A 33 -18.44 -11.27 30.44
C GLU A 33 -17.17 -11.42 29.62
N LEU A 34 -17.11 -10.81 28.42
CA LEU A 34 -15.87 -10.73 27.61
C LEU A 34 -14.94 -9.76 28.31
N PHE A 35 -15.42 -8.54 28.56
CA PHE A 35 -14.56 -7.50 29.18
C PHE A 35 -15.42 -6.41 29.79
N HIS A 36 -14.80 -5.63 30.67
CA HIS A 36 -15.37 -4.37 31.23
C HIS A 36 -14.30 -3.29 31.08
N VAL A 37 -14.71 -2.04 30.93
CA VAL A 37 -13.72 -0.92 30.91
C VAL A 37 -13.65 -0.32 32.31
N GLU A 38 -12.46 -0.34 32.93
CA GLU A 38 -12.25 0.42 34.19
C GLU A 38 -12.26 1.91 33.80
N LEU A 39 -13.35 2.59 34.10
CA LEU A 39 -13.65 3.96 33.59
C LEU A 39 -12.71 5.01 34.21
N ASP A 40 -12.22 4.80 35.44
CA ASP A 40 -11.28 5.74 36.10
C ASP A 40 -9.87 5.63 35.48
N ALA A 41 -9.42 4.42 35.20
CA ALA A 41 -8.09 4.14 34.63
C ALA A 41 -8.18 4.25 33.11
N ALA A 42 -9.38 4.18 32.54
CA ALA A 42 -9.61 4.09 31.07
C ALA A 42 -8.83 2.93 30.46
N GLN A 43 -9.09 1.71 30.93
CA GLN A 43 -8.33 0.47 30.66
C GLN A 43 -9.38 -0.61 30.38
N THR A 44 -9.19 -1.39 29.32
CA THR A 44 -10.05 -2.55 29.00
C THR A 44 -9.56 -3.74 29.82
N VAL A 45 -10.45 -4.39 30.57
CA VAL A 45 -10.11 -5.59 31.39
C VAL A 45 -10.92 -6.77 30.89
N TRP A 46 -10.27 -7.63 30.12
CA TRP A 46 -10.81 -8.95 29.66
C TRP A 46 -10.98 -9.87 30.87
N ARG A 47 -12.14 -10.53 30.96
CA ARG A 47 -12.45 -11.46 32.05
C ARG A 47 -11.43 -12.59 32.12
N LEU A 48 -11.01 -13.14 30.98
CA LEU A 48 -9.84 -14.05 30.95
C LEU A 48 -8.69 -13.36 30.24
N PRO A 49 -7.48 -13.33 30.85
CA PRO A 49 -6.35 -12.59 30.27
C PRO A 49 -6.16 -12.91 28.78
N GLU A 50 -6.13 -14.20 28.45
CA GLU A 50 -5.87 -14.69 27.08
C GLU A 50 -6.83 -14.03 26.07
N PHE A 51 -8.03 -13.59 26.43
CA PHE A 51 -8.94 -12.96 25.43
C PHE A 51 -8.25 -11.74 24.80
N GLY A 52 -7.37 -11.10 25.58
CA GLY A 52 -6.63 -9.89 25.19
C GLY A 52 -5.68 -10.12 24.02
N ARG A 53 -5.19 -11.35 23.84
CA ARG A 53 -4.25 -11.69 22.73
C ARG A 53 -5.01 -11.84 21.41
N PHE A 54 -6.32 -12.07 21.46
CA PHE A 54 -7.15 -12.45 20.28
C PHE A 54 -7.91 -11.23 19.79
N ALA A 55 -8.21 -10.31 20.70
CA ALA A 55 -8.85 -9.03 20.35
C ALA A 55 -8.45 -7.90 21.31
N SER A 56 -8.90 -6.70 20.96
CA SER A 56 -8.62 -5.42 21.65
C SER A 56 -9.88 -4.56 21.57
N PHE A 57 -10.02 -3.62 22.52
CA PHE A 57 -11.11 -2.61 22.53
C PHE A 57 -10.52 -1.26 22.92
N GLU A 58 -10.94 -0.22 22.21
CA GLU A 58 -10.57 1.19 22.47
C GLU A 58 -11.43 1.77 23.61
N ALA A 59 -10.86 1.84 24.81
CA ALA A 59 -11.55 2.35 26.03
C ALA A 59 -12.11 3.75 25.84
N GLN A 60 -11.52 4.58 24.98
CA GLN A 60 -12.08 5.93 24.71
C GLN A 60 -13.56 5.83 24.32
N GLY A 61 -13.97 4.75 23.66
CA GLY A 61 -15.36 4.58 23.18
C GLY A 61 -16.32 4.47 24.35
N ALA A 62 -15.88 3.76 25.41
CA ALA A 62 -16.65 3.63 26.67
C ALA A 62 -16.84 5.02 27.30
N LEU A 63 -15.78 5.81 27.41
CA LEU A 63 -15.84 7.12 28.14
C LEU A 63 -16.70 8.11 27.34
N GLN A 64 -16.68 8.03 26.02
CA GLN A 64 -17.53 8.92 25.19
C GLN A 64 -19.00 8.60 25.51
N ASN A 65 -19.31 7.31 25.62
CA ASN A 65 -20.67 6.85 25.97
C ASN A 65 -21.01 7.26 27.40
N MET A 66 -20.03 7.23 28.31
CA MET A 66 -20.25 7.70 29.71
C MET A 66 -20.71 9.16 29.71
N ALA A 67 -20.17 10.00 28.82
CA ALA A 67 -20.59 11.40 28.79
C ALA A 67 -22.11 11.49 28.58
N VAL A 68 -22.65 10.69 27.68
CA VAL A 68 -24.09 10.75 27.29
C VAL A 68 -24.94 10.04 28.34
N GLY A 69 -24.40 8.95 28.89
CA GLY A 69 -25.10 8.17 29.93
C GLY A 69 -25.46 9.03 31.11
N LYS A 70 -24.46 9.76 31.61
CA LYS A 70 -24.60 10.58 32.83
C LYS A 70 -25.55 11.74 32.53
N GLN A 71 -25.59 12.19 31.27
CA GLN A 71 -26.58 13.22 30.86
C GLN A 71 -27.98 12.57 30.81
N ASN A 72 -28.14 11.49 30.05
CA ASN A 72 -29.47 10.83 29.91
C ASN A 72 -30.04 10.55 31.30
N LEU A 73 -29.18 10.07 32.19
CA LEU A 73 -29.59 9.81 33.59
C LEU A 73 -30.23 11.07 34.17
N GLU A 74 -29.62 12.25 34.09
CA GLU A 74 -30.20 13.45 34.74
C GLU A 74 -31.49 13.85 34.05
N VAL A 75 -31.57 13.61 32.74
CA VAL A 75 -32.79 13.96 31.96
C VAL A 75 -33.96 13.12 32.47
N MET A 76 -33.81 11.80 32.47
CA MET A 76 -34.90 10.86 32.86
C MET A 76 -35.23 11.01 34.36
N ILE A 77 -34.28 11.34 35.25
CA ILE A 77 -34.63 11.66 36.67
C ILE A 77 -35.69 12.74 36.63
N SER A 78 -35.45 13.74 35.80
CA SER A 78 -36.36 14.90 35.62
C SER A 78 -37.65 14.42 34.95
N ASN A 79 -37.55 13.77 33.78
CA ASN A 79 -38.72 13.42 32.93
C ASN A 79 -39.70 12.51 33.70
N SER A 80 -39.24 11.83 34.76
CA SER A 80 -39.97 10.80 35.52
C SER A 80 -40.51 11.35 36.84
N ASN A 81 -40.58 12.67 37.02
CA ASN A 81 -40.75 13.33 38.35
C ASN A 81 -40.05 12.50 39.43
N ARG A 82 -38.76 12.15 39.24
CA ARG A 82 -37.90 11.50 40.27
C ARG A 82 -38.53 10.20 40.77
N SER A 83 -39.11 9.39 39.88
CA SER A 83 -39.87 8.23 40.35
C SER A 83 -38.88 7.14 40.76
N GLN A 84 -39.29 6.35 41.77
CA GLN A 84 -38.49 5.33 42.48
C GLN A 84 -38.98 3.93 42.09
N GLN A 85 -38.07 2.97 42.09
CA GLN A 85 -38.37 1.54 41.79
C GLN A 85 -38.13 0.77 43.08
N ASP A 86 -38.98 -0.22 43.38
CA ASP A 86 -38.74 -1.14 44.51
C ASP A 86 -37.40 -1.85 44.27
N PHE A 87 -36.54 -1.83 45.27
CA PHE A 87 -35.32 -2.65 45.32
C PHE A 87 -35.75 -4.12 45.28
N VAL A 88 -34.78 -4.99 45.08
CA VAL A 88 -34.99 -6.45 45.02
C VAL A 88 -33.74 -7.07 45.66
N THR A 89 -33.91 -7.62 46.84
CA THR A 89 -32.85 -8.17 47.70
C THR A 89 -32.23 -9.36 46.99
N PRO A 90 -30.90 -9.55 47.05
CA PRO A 90 -30.26 -10.64 46.33
C PRO A 90 -30.49 -11.99 47.00
N GLU A 91 -30.67 -13.01 46.17
CA GLU A 91 -30.43 -14.41 46.55
C GLU A 91 -28.92 -14.63 46.55
N LEU A 92 -28.51 -15.71 47.19
CA LEU A 92 -27.09 -16.01 47.38
C LEU A 92 -26.86 -17.48 47.09
N ALA A 93 -25.90 -17.77 46.21
CA ALA A 93 -25.40 -19.13 45.92
C ALA A 93 -23.95 -19.22 46.40
N LEU A 94 -23.61 -20.32 47.06
CA LEU A 94 -22.23 -20.59 47.50
C LEU A 94 -21.96 -22.06 47.29
N PHE A 95 -20.90 -22.32 46.55
CA PHE A 95 -20.47 -23.67 46.15
C PHE A 95 -19.00 -23.62 45.71
N PRO A 96 -18.27 -24.72 45.93
CA PRO A 96 -16.92 -24.86 45.38
C PRO A 96 -16.90 -25.09 43.87
N ALA A 97 -15.80 -24.71 43.23
CA ALA A 97 -15.56 -24.81 41.78
C ALA A 97 -15.43 -26.28 41.38
N GLU A 98 -14.84 -27.07 42.29
CA GLU A 98 -14.46 -28.50 42.10
C GLU A 98 -14.88 -29.26 43.36
N ALA A 99 -15.21 -30.54 43.23
CA ALA A 99 -15.47 -31.38 44.41
C ALA A 99 -14.22 -31.29 45.27
N VAL A 100 -14.44 -31.40 46.56
CA VAL A 100 -13.48 -31.02 47.60
C VAL A 100 -12.68 -32.27 47.91
N SER A 101 -11.36 -32.16 47.84
CA SER A 101 -10.45 -33.12 48.52
C SER A 101 -9.64 -32.30 49.51
N LEU A 102 -9.55 -32.77 50.73
CA LEU A 102 -8.74 -32.14 51.78
C LEU A 102 -7.30 -31.89 51.28
N GLU A 103 -6.73 -30.74 51.65
CA GLU A 103 -5.36 -30.27 51.28
C GLU A 103 -5.22 -30.05 49.77
N GLU A 104 -6.30 -30.15 48.99
CA GLU A 104 -6.21 -29.85 47.53
C GLU A 104 -6.81 -28.48 47.28
N PRO A 105 -5.98 -27.50 46.86
CA PRO A 105 -6.43 -26.13 46.63
C PRO A 105 -7.68 -26.10 45.77
N ASN A 106 -8.61 -25.23 46.16
CA ASN A 106 -9.93 -25.13 45.51
C ASN A 106 -10.35 -23.67 45.61
N VAL A 107 -11.52 -23.37 45.06
CA VAL A 107 -12.10 -22.00 45.09
C VAL A 107 -13.55 -22.11 45.55
N LEU A 108 -13.94 -21.34 46.57
CA LEU A 108 -15.37 -21.14 46.91
C LEU A 108 -15.93 -20.01 46.06
N ILE A 109 -17.07 -20.25 45.45
CA ILE A 109 -17.74 -19.29 44.54
C ILE A 109 -19.02 -18.83 45.22
N CYS A 110 -19.18 -17.53 45.36
CA CYS A 110 -20.40 -16.94 45.93
C CYS A 110 -20.96 -16.02 44.85
N TYR A 111 -22.21 -16.21 44.45
CA TYR A 111 -22.83 -15.23 43.53
C TYR A 111 -24.10 -14.70 44.20
N ALA A 112 -24.35 -13.42 44.01
CA ALA A 112 -25.60 -12.76 44.41
C ALA A 112 -26.44 -12.69 43.16
N ASP A 113 -27.73 -13.04 43.21
CA ASP A 113 -28.51 -13.16 41.94
C ASP A 113 -29.82 -12.41 42.06
N LYS A 114 -30.41 -12.02 40.94
CA LYS A 114 -31.77 -11.46 40.84
C LYS A 114 -31.89 -10.28 41.78
N PHE A 115 -30.93 -9.34 41.69
CA PHE A 115 -30.93 -8.13 42.56
C PHE A 115 -31.00 -6.88 41.66
N TRP A 116 -31.58 -5.81 42.22
CA TRP A 116 -31.56 -4.44 41.63
C TRP A 116 -31.82 -3.46 42.76
N PRO A 117 -31.11 -2.32 42.88
CA PRO A 117 -30.11 -1.85 41.91
C PRO A 117 -28.77 -2.58 41.93
N PRO A 118 -27.91 -2.41 40.91
CA PRO A 118 -26.64 -3.12 40.84
C PRO A 118 -25.55 -2.59 41.79
N VAL A 119 -25.81 -2.62 43.10
CA VAL A 119 -24.83 -2.20 44.14
C VAL A 119 -24.84 -3.26 45.25
N ALA A 120 -23.78 -4.05 45.36
CA ALA A 120 -23.71 -5.12 46.37
C ALA A 120 -22.27 -5.52 46.65
N THR A 121 -21.92 -5.68 47.94
CA THR A 121 -20.54 -6.01 48.38
C THR A 121 -20.60 -7.36 49.08
N MET A 122 -19.57 -8.17 48.87
CA MET A 122 -19.51 -9.53 49.44
C MET A 122 -18.41 -9.52 50.48
N GLU A 123 -18.64 -10.15 51.62
CA GLU A 123 -17.63 -10.31 52.69
C GLU A 123 -17.47 -11.81 52.97
N TRP A 124 -16.23 -12.26 52.95
CA TRP A 124 -15.90 -13.68 53.19
C TRP A 124 -15.46 -13.81 54.65
N ARG A 125 -15.88 -14.84 55.34
CA ARG A 125 -15.35 -15.13 56.69
C ARG A 125 -14.94 -16.61 56.72
N ARG A 126 -13.86 -16.92 57.42
CA ARG A 126 -13.50 -18.32 57.78
C ARG A 126 -13.51 -18.40 59.31
N ASN A 127 -14.28 -19.33 59.87
CA ASN A 127 -14.35 -19.57 61.33
C ASN A 127 -14.70 -18.26 62.04
N GLY A 128 -15.54 -17.41 61.41
CA GLY A 128 -16.02 -16.14 61.96
C GLY A 128 -15.14 -14.93 61.64
N ALA A 129 -13.94 -15.13 61.06
CA ALA A 129 -12.98 -14.03 60.83
C ALA A 129 -12.93 -13.66 59.35
N VAL A 130 -12.94 -12.37 59.05
CA VAL A 130 -12.95 -11.85 57.64
C VAL A 130 -11.66 -12.30 56.94
N VAL A 131 -11.78 -12.74 55.68
CA VAL A 131 -10.65 -13.20 54.84
C VAL A 131 -10.79 -12.44 53.53
N SER A 132 -9.69 -11.92 52.96
CA SER A 132 -9.72 -11.14 51.71
C SER A 132 -8.67 -11.65 50.70
N GLU A 133 -7.80 -12.59 51.10
CA GLU A 133 -6.63 -12.99 50.29
C GLU A 133 -7.07 -13.70 49.02
N GLY A 134 -6.66 -13.19 47.86
CA GLY A 134 -6.90 -13.81 46.55
C GLY A 134 -8.28 -13.50 46.03
N VAL A 135 -9.12 -12.81 46.80
CA VAL A 135 -10.55 -12.66 46.41
C VAL A 135 -10.59 -11.89 45.08
N TYR A 136 -11.42 -12.36 44.14
CA TYR A 136 -11.78 -11.61 42.91
C TYR A 136 -13.27 -11.30 43.02
N ASP A 137 -13.63 -10.04 42.79
CA ASP A 137 -15.04 -9.59 42.77
C ASP A 137 -15.34 -9.19 41.34
N SER A 138 -16.44 -9.68 40.79
CA SER A 138 -16.83 -9.42 39.39
C SER A 138 -17.50 -8.05 39.32
N VAL A 139 -17.73 -7.57 38.10
CA VAL A 139 -18.63 -6.43 37.83
C VAL A 139 -20.04 -7.00 37.83
N TYR A 140 -21.04 -6.15 37.58
CA TYR A 140 -22.46 -6.56 37.69
C TYR A 140 -22.90 -7.10 36.32
N TYR A 141 -23.31 -8.38 36.31
CA TYR A 141 -23.74 -9.10 35.06
C TYR A 141 -25.26 -9.00 34.89
N GLY A 142 -25.70 -8.56 33.73
CA GLY A 142 -27.13 -8.40 33.40
C GLY A 142 -27.82 -9.74 33.35
N ARG A 143 -29.00 -9.82 33.97
CA ARG A 143 -29.73 -11.09 34.18
C ARG A 143 -31.15 -10.85 33.69
N PRO A 144 -31.94 -11.91 33.44
CA PRO A 144 -33.31 -11.71 32.95
C PRO A 144 -34.11 -10.79 33.87
N ASP A 145 -35.06 -10.05 33.31
CA ASP A 145 -35.99 -9.13 34.03
C ASP A 145 -35.24 -7.87 34.48
N LEU A 146 -34.21 -7.48 33.71
CA LEU A 146 -33.36 -6.29 34.01
C LEU A 146 -32.80 -6.36 35.44
N LEU A 147 -32.41 -7.55 35.90
CA LEU A 147 -31.81 -7.73 37.23
C LEU A 147 -30.30 -7.95 37.06
N PHE A 148 -29.58 -8.18 38.13
CA PHE A 148 -28.11 -8.33 38.00
C PHE A 148 -27.64 -9.55 38.81
N ARG A 149 -26.43 -10.01 38.48
CA ARG A 149 -25.71 -11.05 39.25
C ARG A 149 -24.28 -10.55 39.49
N LYS A 150 -23.67 -10.88 40.62
CA LYS A 150 -22.25 -10.56 40.89
C LYS A 150 -21.56 -11.75 41.53
N PHE A 151 -20.34 -12.04 41.13
CA PHE A 151 -19.60 -13.25 41.57
C PHE A 151 -18.47 -12.80 42.51
N SER A 152 -18.17 -13.58 43.53
CA SER A 152 -16.93 -13.39 44.33
C SER A 152 -16.25 -14.73 44.47
N TYR A 153 -14.92 -14.78 44.46
CA TYR A 153 -14.18 -16.07 44.49
C TYR A 153 -13.21 -16.04 45.66
N LEU A 154 -13.25 -17.06 46.52
CA LEU A 154 -12.26 -17.16 47.62
C LEU A 154 -11.39 -18.38 47.39
N PRO A 155 -10.10 -18.20 47.05
CA PRO A 155 -9.18 -19.32 46.97
C PRO A 155 -9.06 -19.91 48.39
N PHE A 156 -9.00 -21.22 48.53
CA PHE A 156 -8.94 -21.84 49.88
C PHE A 156 -8.31 -23.21 49.77
N VAL A 157 -7.78 -23.70 50.87
CA VAL A 157 -7.26 -25.09 50.94
C VAL A 157 -8.17 -25.82 51.93
N PRO A 158 -9.03 -26.73 51.45
CA PRO A 158 -9.95 -27.44 52.34
C PRO A 158 -9.18 -28.15 53.46
N GLN A 159 -9.60 -27.91 54.69
CA GLN A 159 -9.01 -28.56 55.89
C GLN A 159 -10.14 -28.90 56.86
N ARG A 160 -9.92 -29.89 57.70
CA ARG A 160 -10.93 -30.30 58.71
C ARG A 160 -11.12 -29.19 59.73
N GLY A 161 -12.38 -28.89 60.09
CA GLY A 161 -12.72 -27.93 61.16
C GLY A 161 -13.01 -26.52 60.66
N ASP A 162 -12.87 -26.27 59.36
CA ASP A 162 -12.96 -24.89 58.84
C ASP A 162 -14.37 -24.67 58.31
N VAL A 163 -15.04 -23.63 58.79
CA VAL A 163 -16.39 -23.22 58.31
C VAL A 163 -16.24 -21.90 57.57
N TYR A 164 -16.88 -21.75 56.43
CA TYR A 164 -16.73 -20.54 55.58
C TYR A 164 -18.10 -19.89 55.45
N SER A 165 -18.13 -18.58 55.24
CA SER A 165 -19.39 -17.85 55.06
C SER A 165 -19.20 -16.79 53.97
N CYS A 166 -20.26 -16.48 53.25
CA CYS A 166 -20.30 -15.34 52.30
C CYS A 166 -21.49 -14.49 52.69
N ALA A 167 -21.32 -13.17 52.77
CA ALA A 167 -22.41 -12.25 53.15
C ALA A 167 -22.48 -11.17 52.08
N VAL A 168 -23.68 -10.78 51.67
CA VAL A 168 -23.86 -9.70 50.67
C VAL A 168 -24.61 -8.58 51.35
N ARG A 169 -24.09 -7.36 51.24
CA ARG A 169 -24.82 -6.14 51.65
C ARG A 169 -25.24 -5.42 50.38
N HIS A 170 -26.54 -5.44 50.12
CA HIS A 170 -27.25 -4.66 49.07
C HIS A 170 -27.42 -3.22 49.56
N TRP A 171 -27.39 -2.26 48.64
CA TRP A 171 -27.50 -0.80 48.92
C TRP A 171 -28.60 -0.57 49.94
N GLY A 172 -29.84 -0.97 49.64
CA GLY A 172 -31.01 -0.56 50.47
C GLY A 172 -30.89 -0.98 51.92
N ALA A 173 -30.56 -2.26 52.15
CA ALA A 173 -30.92 -3.06 53.35
C ALA A 173 -30.10 -2.67 54.58
N GLU A 174 -30.69 -2.77 55.79
CA GLU A 174 -30.00 -2.60 57.10
C GLU A 174 -29.39 -3.95 57.52
N GLY A 175 -29.57 -5.01 56.71
CA GLY A 175 -29.19 -6.39 57.05
C GLY A 175 -28.51 -7.14 55.90
N PRO A 176 -27.49 -7.97 56.19
CA PRO A 176 -26.87 -8.85 55.19
C PRO A 176 -27.65 -10.16 54.95
N VAL A 177 -27.56 -10.63 53.71
CA VAL A 177 -27.90 -12.01 53.27
C VAL A 177 -26.63 -12.86 53.37
N GLN A 178 -26.71 -14.04 53.97
CA GLN A 178 -25.50 -14.84 54.33
C GLN A 178 -25.72 -16.31 54.02
N ARG A 179 -24.64 -17.02 53.70
CA ARG A 179 -24.62 -18.49 53.51
C ARG A 179 -23.32 -19.03 54.10
N MET A 180 -23.42 -20.22 54.65
CA MET A 180 -22.37 -21.01 55.31
C MET A 180 -22.02 -22.15 54.36
N TRP A 181 -20.79 -22.64 54.44
CA TRP A 181 -20.33 -23.84 53.72
C TRP A 181 -19.24 -24.51 54.55
N GLU A 182 -19.17 -25.83 54.48
CA GLU A 182 -18.28 -26.63 55.34
C GLU A 182 -18.00 -27.95 54.64
N PRO A 183 -16.76 -28.46 54.64
CA PRO A 183 -16.47 -29.73 53.99
C PRO A 183 -17.20 -30.86 54.73
N GLU A 184 -17.78 -31.78 53.97
CA GLU A 184 -18.39 -33.03 54.47
C GLU A 184 -17.40 -34.17 54.23
N VAL A 185 -16.76 -34.68 55.28
CA VAL A 185 -15.76 -35.75 55.11
C VAL A 185 -16.24 -37.00 55.82
N PRO A 186 -16.71 -38.00 55.04
CA PRO A 186 -17.08 -39.29 55.60
C PRO A 186 -15.94 -40.03 56.30
N GLU A 187 -16.33 -41.06 57.07
CA GLU A 187 -15.50 -41.92 57.94
C GLU A 187 -15.33 -43.30 57.29
N PRO A 188 -14.09 -43.87 57.09
CA PRO A 188 -13.92 -45.30 56.80
C PRO A 188 -13.67 -46.19 58.03
N PRO B 3 -3.76 -8.36 17.74
CA PRO B 3 -5.19 -8.37 18.01
C PRO B 3 -6.00 -7.68 16.91
N ALA B 4 -7.33 -7.72 17.03
CA ALA B 4 -8.29 -7.02 16.15
C ALA B 4 -9.29 -6.23 17.00
N VAL B 5 -9.84 -5.15 16.45
CA VAL B 5 -10.56 -4.13 17.25
C VAL B 5 -12.05 -4.50 17.31
N VAL B 6 -12.55 -4.69 18.53
CA VAL B 6 -14.01 -4.86 18.79
C VAL B 6 -14.63 -3.48 18.61
N HIS B 7 -15.83 -3.42 18.05
CA HIS B 7 -16.50 -2.12 17.75
C HIS B 7 -17.64 -1.93 18.74
N SER B 8 -17.81 -0.72 19.23
CA SER B 8 -18.83 -0.38 20.25
C SER B 8 -19.95 0.39 19.58
N VAL B 9 -21.19 0.17 20.00
CA VAL B 9 -22.31 1.03 19.56
C VAL B 9 -22.08 2.39 20.20
N ARG B 10 -22.04 3.47 19.40
CA ARG B 10 -21.89 4.84 19.94
C ARG B 10 -23.23 5.25 20.55
N ALA B 11 -23.20 6.22 21.46
CA ALA B 11 -24.43 6.78 22.07
C ALA B 11 -24.90 7.93 21.16
N LEU B 12 -25.44 7.59 20.00
CA LEU B 12 -25.87 8.59 18.99
C LEU B 12 -27.12 9.32 19.50
N MET B 13 -28.02 8.60 20.16
CA MET B 13 -29.31 9.18 20.62
C MET B 13 -29.07 9.86 21.98
N LEU B 14 -29.69 11.01 22.20
CA LEU B 14 -29.65 11.71 23.51
C LEU B 14 -31.09 11.83 24.03
N ALA B 15 -31.33 11.51 25.29
CA ALA B 15 -32.67 11.69 25.89
C ALA B 15 -33.01 13.18 25.89
N GLU B 16 -34.25 13.53 25.56
CA GLU B 16 -34.69 14.94 25.41
C GLU B 16 -35.60 15.27 26.60
N ARG B 17 -35.38 16.41 27.24
CA ARG B 17 -36.20 16.86 28.40
C ARG B 17 -37.63 17.14 27.89
N GLN B 18 -38.64 16.84 28.72
CA GLN B 18 -40.07 17.04 28.35
C GLN B 18 -40.83 17.61 29.56
N GLY B 31 -34.37 10.33 50.65
CA GLY B 31 -33.46 9.47 49.87
C GLY B 31 -33.61 9.64 48.37
N GLY B 32 -33.40 8.55 47.63
CA GLY B 32 -33.63 8.40 46.18
C GLY B 32 -32.57 7.52 45.56
N SER B 33 -32.91 6.59 44.67
CA SER B 33 -31.93 5.98 43.72
C SER B 33 -32.43 6.16 42.31
N PHE B 34 -31.51 6.37 41.38
CA PHE B 34 -31.80 6.77 39.98
C PHE B 34 -30.87 5.96 39.11
N PHE B 35 -31.43 5.24 38.14
CA PHE B 35 -30.65 4.30 37.30
C PHE B 35 -31.04 4.52 35.85
N TYR B 36 -30.05 4.56 34.98
CA TYR B 36 -30.25 4.62 33.51
C TYR B 36 -29.39 3.50 32.94
N GLY B 37 -29.96 2.73 32.00
CA GLY B 37 -29.25 1.59 31.39
C GLY B 37 -29.32 1.67 29.90
N LYS B 38 -28.26 1.24 29.21
CA LYS B 38 -28.23 1.09 27.74
C LYS B 38 -27.76 -0.35 27.54
N ILE B 39 -28.51 -1.14 26.78
CA ILE B 39 -28.15 -2.54 26.42
C ILE B 39 -28.30 -2.70 24.91
N GLY B 40 -27.17 -2.77 24.20
CA GLY B 40 -27.09 -2.99 22.75
C GLY B 40 -26.88 -4.47 22.47
N GLU B 41 -27.96 -5.14 22.05
CA GLU B 41 -28.01 -6.61 21.86
C GLU B 41 -27.78 -6.92 20.39
N CYS B 42 -26.71 -7.65 20.09
CA CYS B 42 -26.45 -8.24 18.74
C CYS B 42 -26.88 -9.72 18.73
N HIS B 43 -28.16 -9.99 18.49
CA HIS B 43 -28.73 -11.36 18.41
C HIS B 43 -28.29 -12.06 17.11
N TYR B 44 -27.65 -13.21 17.23
CA TYR B 44 -27.19 -13.99 16.05
C TYR B 44 -28.01 -15.28 15.93
N LEU B 45 -28.66 -15.49 14.80
CA LEU B 45 -29.33 -16.80 14.49
C LEU B 45 -28.64 -17.44 13.29
N ASN B 46 -28.12 -18.66 13.46
CA ASN B 46 -27.30 -19.35 12.41
C ASN B 46 -26.10 -18.44 12.09
N GLY B 47 -25.49 -17.84 13.12
CA GLY B 47 -24.34 -16.93 12.98
C GLY B 47 -24.68 -15.68 12.18
N THR B 48 -23.95 -15.44 11.10
CA THR B 48 -24.11 -14.23 10.25
C THR B 48 -25.35 -14.37 9.34
N GLU B 49 -25.91 -15.56 9.19
CA GLU B 49 -27.06 -15.80 8.26
C GLU B 49 -28.20 -14.83 8.60
N ARG B 50 -28.62 -14.77 9.86
CA ARG B 50 -29.63 -13.78 10.32
C ARG B 50 -29.08 -13.07 11.56
N VAL B 51 -29.03 -11.74 11.51
CA VAL B 51 -28.51 -10.92 12.65
C VAL B 51 -29.52 -9.83 12.97
N ARG B 52 -29.84 -9.68 14.25
CA ARG B 52 -30.83 -8.67 14.73
C ARG B 52 -30.14 -7.81 15.78
N PHE B 53 -30.25 -6.48 15.66
CA PHE B 53 -29.69 -5.53 16.65
C PHE B 53 -30.87 -4.91 17.41
N LEU B 54 -30.83 -5.03 18.73
CA LEU B 54 -31.84 -4.44 19.63
C LEU B 54 -31.12 -3.46 20.56
N ASP B 55 -31.49 -2.19 20.54
CA ASP B 55 -30.92 -1.19 21.49
C ASP B 55 -31.98 -0.95 22.55
N ARG B 56 -31.69 -1.31 23.80
CA ARG B 56 -32.70 -1.18 24.87
C ARG B 56 -32.31 0.00 25.76
N GLN B 57 -33.26 0.92 25.95
CA GLN B 57 -33.08 2.13 26.78
C GLN B 57 -33.93 1.95 28.03
N ILE B 58 -33.29 1.96 29.21
CA ILE B 58 -33.93 1.58 30.49
C ILE B 58 -33.78 2.72 31.48
N TYR B 59 -34.85 3.09 32.18
CA TYR B 59 -34.76 3.97 33.36
C TYR B 59 -35.31 3.20 34.55
N ASN B 60 -34.57 3.17 35.65
CA ASN B 60 -34.91 2.31 36.81
C ASN B 60 -34.98 0.87 36.30
N ARG B 61 -36.07 0.12 36.48
CA ARG B 61 -36.10 -1.27 35.95
C ARG B 61 -37.09 -1.38 34.80
N GLN B 62 -37.52 -0.25 34.22
CA GLN B 62 -38.51 -0.21 33.13
C GLN B 62 -37.83 0.22 31.85
N GLN B 63 -37.89 -0.62 30.83
CA GLN B 63 -37.40 -0.27 29.48
C GLN B 63 -38.41 0.67 28.82
N PHE B 64 -38.06 1.96 28.70
CA PHE B 64 -38.99 3.01 28.16
C PHE B 64 -39.08 2.90 26.64
N ALA B 65 -38.03 2.39 25.98
CA ALA B 65 -38.07 2.29 24.51
C ALA B 65 -36.97 1.37 24.02
N HIS B 66 -37.08 0.92 22.78
CA HIS B 66 -36.09 0.04 22.14
C HIS B 66 -36.05 0.33 20.64
N PHE B 67 -34.96 -0.03 19.99
CA PHE B 67 -34.82 0.03 18.52
C PHE B 67 -34.59 -1.37 17.99
N ASP B 68 -35.46 -1.84 17.09
CA ASP B 68 -35.34 -3.18 16.44
C ASP B 68 -34.86 -2.98 15.01
N SER B 69 -33.74 -3.59 14.63
CA SER B 69 -33.22 -3.51 13.24
C SER B 69 -34.28 -4.01 12.26
N ASP B 70 -34.99 -5.07 12.63
CA ASP B 70 -36.08 -5.65 11.79
C ASP B 70 -37.17 -4.60 11.55
N VAL B 71 -37.60 -3.88 12.60
CA VAL B 71 -38.62 -2.79 12.45
C VAL B 71 -37.97 -1.59 11.77
N GLY B 72 -36.70 -1.29 12.08
CA GLY B 72 -35.96 -0.14 11.50
C GLY B 72 -36.34 1.19 12.12
N LYS B 73 -37.18 1.19 13.15
CA LYS B 73 -37.62 2.41 13.87
C LYS B 73 -37.60 2.13 15.37
N PHE B 74 -37.59 3.18 16.19
CA PHE B 74 -37.69 3.06 17.67
C PHE B 74 -39.15 2.74 18.04
N VAL B 75 -39.34 1.86 19.01
CA VAL B 75 -40.69 1.52 19.53
C VAL B 75 -40.72 1.88 21.02
N ALA B 76 -41.71 2.66 21.44
CA ALA B 76 -41.90 3.03 22.86
C ALA B 76 -42.55 1.87 23.61
N ASP B 77 -41.93 1.41 24.70
CA ASP B 77 -42.42 0.29 25.53
C ASP B 77 -43.21 0.84 26.71
N THR B 78 -43.09 2.12 27.00
CA THR B 78 -43.80 2.77 28.13
C THR B 78 -44.16 4.19 27.72
N PRO B 79 -45.12 4.84 28.40
CA PRO B 79 -45.45 6.24 28.13
C PRO B 79 -44.27 7.22 28.21
N LEU B 80 -43.37 7.03 29.17
CA LEU B 80 -42.15 7.85 29.33
C LEU B 80 -41.26 7.76 28.09
N GLY B 81 -41.29 6.61 27.40
CA GLY B 81 -40.49 6.37 26.18
C GLY B 81 -41.11 6.97 24.93
N GLU B 82 -42.38 7.37 24.97
CA GLU B 82 -43.11 7.87 23.76
C GLU B 82 -42.46 9.17 23.27
N PRO B 83 -42.25 10.22 24.10
CA PRO B 83 -41.58 11.44 23.64
C PRO B 83 -40.20 11.19 23.01
N GLN B 84 -39.44 10.26 23.59
CA GLN B 84 -38.06 9.96 23.14
C GLN B 84 -38.11 9.25 21.78
N ALA B 85 -39.04 8.32 21.62
CA ALA B 85 -39.12 7.48 20.40
C ALA B 85 -39.49 8.36 19.21
N GLU B 86 -40.44 9.28 19.39
CA GLU B 86 -40.91 10.16 18.29
C GLU B 86 -39.74 11.02 17.79
N TYR B 87 -38.99 11.63 18.71
CA TYR B 87 -37.86 12.54 18.38
C TYR B 87 -36.77 11.76 17.63
N TRP B 88 -36.37 10.61 18.18
CA TRP B 88 -35.29 9.80 17.58
C TRP B 88 -35.71 9.33 16.18
N ASN B 89 -36.99 8.99 16.02
CA ASN B 89 -37.56 8.50 14.73
C ASN B 89 -37.60 9.64 13.70
N SER B 90 -37.69 10.89 14.17
CA SER B 90 -37.63 12.10 13.31
C SER B 90 -36.28 12.16 12.58
N ASN B 91 -35.17 11.82 13.26
CA ASN B 91 -33.81 11.92 12.67
C ASN B 91 -33.54 10.67 11.83
N ALA B 92 -33.67 10.77 10.51
CA ALA B 92 -33.47 9.63 9.57
C ALA B 92 -32.01 9.18 9.59
N GLU B 93 -31.08 10.11 9.77
CA GLU B 93 -29.63 9.78 9.76
C GLU B 93 -29.30 8.90 10.98
N LEU B 94 -29.92 9.17 12.12
CA LEU B 94 -29.74 8.33 13.34
C LEU B 94 -30.23 6.91 13.02
N LEU B 95 -31.46 6.80 12.50
CA LEU B 95 -32.11 5.48 12.23
C LEU B 95 -31.25 4.69 11.25
N GLU B 96 -30.69 5.35 10.24
CA GLU B 96 -29.76 4.74 9.27
C GLU B 96 -28.46 4.33 9.98
N ASN B 97 -27.94 5.18 10.85
CA ASN B 97 -26.67 4.92 11.57
C ASN B 97 -26.86 3.71 12.49
N LEU B 98 -28.01 3.64 13.17
CA LEU B 98 -28.35 2.51 14.07
C LEU B 98 -28.45 1.22 13.25
N MET B 99 -29.10 1.29 12.08
CA MET B 99 -29.25 0.12 11.17
C MET B 99 -27.87 -0.33 10.69
N ASN B 100 -26.94 0.61 10.46
CA ASN B 100 -25.57 0.30 10.00
C ASN B 100 -24.82 -0.47 11.09
N GLU B 101 -25.27 -0.38 12.35
CA GLU B 101 -24.58 -1.05 13.49
C GLU B 101 -24.73 -2.57 13.37
N VAL B 102 -25.71 -3.06 12.61
CA VAL B 102 -25.90 -4.53 12.33
C VAL B 102 -24.66 -5.04 11.61
N ASP B 103 -24.11 -4.26 10.67
CA ASP B 103 -22.86 -4.64 9.97
C ASP B 103 -21.67 -4.11 10.77
N ARG B 104 -21.75 -2.87 11.25
CA ARG B 104 -20.59 -2.18 11.88
C ARG B 104 -20.19 -2.86 13.20
N VAL B 105 -21.16 -3.28 14.01
CA VAL B 105 -20.88 -3.89 15.34
C VAL B 105 -21.15 -5.39 15.26
N CYS B 106 -22.38 -5.79 14.96
CA CYS B 106 -22.82 -7.21 15.10
C CYS B 106 -22.02 -8.11 14.16
N ARG B 107 -22.01 -7.83 12.85
CA ARG B 107 -21.23 -8.64 11.87
C ARG B 107 -19.73 -8.52 12.17
N HIS B 108 -19.18 -7.31 12.30
CA HIS B 108 -17.74 -7.09 12.59
C HIS B 108 -17.32 -7.88 13.83
N ASN B 109 -18.05 -7.74 14.94
CA ASN B 109 -17.62 -8.30 16.24
C ASN B 109 -17.70 -9.83 16.19
N TYR B 110 -18.72 -10.40 15.53
CA TYR B 110 -18.89 -11.87 15.38
C TYR B 110 -17.61 -12.49 14.79
N GLY B 111 -17.08 -11.90 13.70
CA GLY B 111 -15.90 -12.45 12.99
C GLY B 111 -14.65 -12.45 13.84
N ILE B 112 -14.48 -11.42 14.67
CA ILE B 112 -13.28 -11.30 15.57
C ILE B 112 -13.39 -12.24 16.76
N LEU B 113 -14.60 -12.43 17.32
CA LEU B 113 -14.77 -13.15 18.62
C LEU B 113 -15.27 -14.59 18.44
N GLU B 114 -15.68 -15.01 17.25
CA GLU B 114 -16.26 -16.36 17.04
C GLU B 114 -15.27 -17.44 17.50
N SER B 115 -13.97 -17.29 17.17
CA SER B 115 -12.94 -18.32 17.44
C SER B 115 -12.89 -18.73 18.93
N PHE B 116 -12.97 -17.78 19.86
CA PHE B 116 -12.76 -18.05 21.31
C PHE B 116 -14.08 -17.91 22.10
N THR B 117 -15.21 -17.70 21.42
CA THR B 117 -16.54 -17.64 22.07
C THR B 117 -17.45 -18.73 21.48
N VAL B 118 -18.05 -18.44 20.31
CA VAL B 118 -18.96 -19.38 19.58
C VAL B 118 -18.29 -20.76 19.50
N GLN B 119 -16.97 -20.84 19.34
CA GLN B 119 -16.22 -22.11 19.21
C GLN B 119 -15.35 -22.38 20.43
N ARG B 120 -15.66 -21.80 21.57
CA ARG B 120 -15.03 -22.24 22.85
C ARG B 120 -15.48 -23.70 23.07
N SER B 121 -14.54 -24.58 23.37
CA SER B 121 -14.86 -25.94 23.85
C SER B 121 -13.93 -26.21 25.04
N VAL B 122 -14.50 -26.47 26.22
CA VAL B 122 -13.68 -26.96 27.37
C VAL B 122 -14.35 -28.24 27.88
N GLU B 123 -13.55 -29.28 28.10
CA GLU B 123 -14.12 -30.63 28.36
C GLU B 123 -14.60 -30.65 29.80
N PRO B 124 -15.68 -31.38 30.11
CA PRO B 124 -16.02 -31.64 31.49
C PRO B 124 -14.92 -32.51 32.08
N LYS B 125 -14.55 -32.23 33.33
CA LYS B 125 -13.93 -33.19 34.27
C LYS B 125 -15.08 -33.87 35.04
N VAL B 126 -14.99 -35.18 35.25
CA VAL B 126 -16.07 -36.03 35.83
C VAL B 126 -15.48 -36.78 37.02
N ARG B 127 -16.10 -36.67 38.19
CA ARG B 127 -15.62 -37.39 39.40
C ARG B 127 -16.87 -37.96 40.08
N VAL B 128 -16.83 -39.24 40.48
CA VAL B 128 -17.91 -39.84 41.33
C VAL B 128 -17.35 -40.07 42.72
N SER B 129 -18.12 -39.65 43.70
CA SER B 129 -17.76 -39.90 45.11
C SER B 129 -19.03 -40.36 45.82
N ALA B 130 -18.85 -41.13 46.88
CA ALA B 130 -19.91 -41.62 47.78
C ALA B 130 -20.18 -40.55 48.83
N LEU B 131 -21.44 -40.23 49.10
CA LEU B 131 -21.81 -39.34 50.22
C LEU B 131 -22.44 -40.23 51.31
N GLN B 132 -22.10 -39.98 52.57
CA GLN B 132 -22.64 -40.75 53.71
C GLN B 132 -24.06 -40.27 54.01
N SER B 133 -24.86 -41.14 54.63
CA SER B 133 -26.28 -40.89 54.97
C SER B 133 -26.42 -39.68 55.94
N GLY B 134 -25.72 -39.60 57.03
CA GLY B 134 -26.13 -38.56 57.99
C GLY B 134 -27.20 -39.02 58.96
N SER B 135 -27.85 -40.15 58.72
CA SER B 135 -28.76 -40.83 59.70
C SER B 135 -28.29 -42.27 59.94
N LEU B 136 -27.46 -42.82 59.06
CA LEU B 136 -27.07 -44.26 59.13
C LEU B 136 -25.60 -44.43 58.71
N PRO B 137 -24.87 -45.41 59.26
CA PRO B 137 -23.49 -45.68 58.86
C PRO B 137 -23.33 -46.37 57.48
N GLU B 138 -23.62 -45.64 56.41
CA GLU B 138 -23.62 -46.20 55.04
C GLU B 138 -23.48 -45.03 54.07
N THR B 139 -23.16 -45.35 52.84
CA THR B 139 -23.29 -44.43 51.69
C THR B 139 -24.74 -44.48 51.21
N ASP B 140 -25.44 -43.36 51.15
CA ASP B 140 -26.84 -43.36 50.68
C ASP B 140 -26.91 -42.72 49.29
N ARG B 141 -25.85 -42.06 48.84
CA ARG B 141 -25.87 -41.27 47.58
C ARG B 141 -24.55 -41.47 46.83
N LEU B 142 -24.62 -41.51 45.52
CA LEU B 142 -23.40 -41.42 44.69
C LEU B 142 -23.49 -40.09 43.96
N ALA B 143 -22.45 -39.28 44.05
CA ALA B 143 -22.45 -37.94 43.44
C ALA B 143 -21.55 -37.95 42.21
N CYS B 144 -22.09 -37.48 41.07
CA CYS B 144 -21.31 -37.23 39.84
C CYS B 144 -21.10 -35.72 39.71
N TYR B 145 -19.90 -35.26 40.06
CA TYR B 145 -19.51 -33.84 39.87
C TYR B 145 -18.96 -33.67 38.44
N VAL B 146 -19.70 -32.92 37.62
CA VAL B 146 -19.26 -32.60 36.23
C VAL B 146 -18.87 -31.14 36.23
N THR B 147 -17.60 -30.82 35.99
CA THR B 147 -17.03 -29.47 36.25
C THR B 147 -16.18 -28.91 35.10
N GLY B 148 -16.03 -27.58 35.07
CA GLY B 148 -15.06 -26.84 34.23
C GLY B 148 -15.39 -26.81 32.75
N PHE B 149 -16.68 -26.87 32.36
CA PHE B 149 -17.06 -27.14 30.95
C PHE B 149 -17.64 -25.89 30.29
N TYR B 150 -17.41 -25.79 28.96
CA TYR B 150 -18.07 -24.82 28.05
C TYR B 150 -18.20 -25.51 26.71
N PRO B 151 -19.34 -25.42 25.99
CA PRO B 151 -20.52 -24.64 26.37
C PRO B 151 -21.36 -25.18 27.55
N PRO B 152 -22.31 -24.38 28.08
CA PRO B 152 -23.11 -24.77 29.23
C PRO B 152 -24.01 -26.01 29.03
N GLU B 153 -24.49 -26.25 27.82
CA GLU B 153 -25.42 -27.39 27.51
C GLU B 153 -24.69 -28.73 27.65
N ILE B 154 -25.24 -29.64 28.46
CA ILE B 154 -24.57 -30.93 28.77
C ILE B 154 -25.64 -32.00 29.08
N GLU B 155 -25.28 -33.26 28.94
CA GLU B 155 -26.17 -34.41 29.28
C GLU B 155 -25.39 -35.31 30.24
N VAL B 156 -25.95 -35.55 31.41
CA VAL B 156 -25.32 -36.43 32.45
C VAL B 156 -26.36 -37.46 32.83
N LYS B 157 -25.99 -38.74 32.80
CA LYS B 157 -26.96 -39.84 33.04
C LYS B 157 -26.29 -40.92 33.88
N TRP B 158 -27.06 -41.47 34.82
CA TRP B 158 -26.60 -42.57 35.70
C TRP B 158 -27.11 -43.90 35.12
N PHE B 159 -26.22 -44.89 35.08
CA PHE B 159 -26.59 -46.26 34.66
C PHE B 159 -26.26 -47.21 35.79
N LEU B 160 -27.27 -47.96 36.25
CA LEU B 160 -27.12 -49.02 37.27
C LEU B 160 -27.23 -50.36 36.56
N ASN B 161 -26.14 -51.15 36.55
CA ASN B 161 -26.12 -52.47 35.89
C ASN B 161 -26.69 -52.32 34.47
N GLY B 162 -26.24 -51.28 33.76
CA GLY B 162 -26.55 -51.07 32.33
C GLY B 162 -27.89 -50.37 32.11
N ARG B 163 -28.65 -50.11 33.18
CA ARG B 163 -30.01 -49.50 33.03
C ARG B 163 -29.99 -48.03 33.46
N GLU B 164 -30.52 -47.15 32.62
CA GLU B 164 -30.60 -45.71 32.97
C GLU B 164 -31.54 -45.58 34.17
N GLU B 165 -31.14 -44.80 35.17
CA GLU B 165 -31.99 -44.48 36.34
C GLU B 165 -32.45 -43.03 36.16
N THR B 166 -33.74 -42.77 36.34
CA THR B 166 -34.31 -41.39 36.35
C THR B 166 -34.95 -41.13 37.72
N GLU B 167 -35.66 -42.13 38.24
CA GLU B 167 -36.50 -41.95 39.44
C GLU B 167 -35.64 -41.59 40.64
N ARG B 168 -34.49 -42.25 40.80
CA ARG B 168 -33.63 -42.08 42.01
C ARG B 168 -32.48 -41.11 41.72
N VAL B 169 -32.55 -40.33 40.64
CA VAL B 169 -31.49 -39.31 40.38
C VAL B 169 -32.09 -37.92 40.62
N VAL B 170 -31.38 -37.11 41.39
CA VAL B 170 -31.72 -35.68 41.64
C VAL B 170 -30.54 -34.86 41.11
N SER B 171 -30.83 -33.91 40.25
CA SER B 171 -29.76 -33.11 39.60
C SER B 171 -29.90 -31.65 40.03
N THR B 172 -28.76 -30.98 40.25
CA THR B 172 -28.74 -29.50 40.48
C THR B 172 -28.99 -28.89 39.11
N ASP B 173 -29.29 -27.59 39.09
CA ASP B 173 -29.30 -26.78 37.84
C ASP B 173 -27.87 -26.86 37.29
N VAL B 174 -27.67 -26.55 35.99
CA VAL B 174 -26.29 -26.25 35.49
C VAL B 174 -25.90 -24.90 36.07
N MET B 175 -24.77 -24.82 36.77
CA MET B 175 -24.41 -23.59 37.51
C MET B 175 -23.34 -22.84 36.73
N GLN B 176 -23.50 -21.53 36.58
CA GLN B 176 -22.46 -20.63 35.99
C GLN B 176 -21.36 -20.43 37.03
N ASN B 177 -20.12 -20.82 36.75
CA ASN B 177 -18.97 -20.52 37.64
C ASN B 177 -18.55 -19.05 37.48
N GLY B 178 -18.92 -18.41 36.38
CA GLY B 178 -18.64 -16.97 36.14
C GLY B 178 -17.28 -16.75 35.46
N ASP B 179 -16.46 -17.80 35.35
CA ASP B 179 -15.10 -17.73 34.74
C ASP B 179 -15.17 -18.33 33.33
N TRP B 180 -16.35 -18.34 32.71
CA TRP B 180 -16.55 -18.96 31.37
C TRP B 180 -16.56 -20.49 31.47
N THR B 181 -16.62 -21.06 32.67
CA THR B 181 -16.81 -22.53 32.84
C THR B 181 -18.15 -22.74 33.56
N TYR B 182 -18.70 -23.95 33.46
CA TYR B 182 -19.99 -24.34 34.08
C TYR B 182 -19.82 -25.67 34.82
N GLN B 183 -20.74 -25.99 35.73
CA GLN B 183 -20.70 -27.26 36.50
C GLN B 183 -22.12 -27.77 36.77
N VAL B 184 -22.24 -29.06 37.05
CA VAL B 184 -23.54 -29.69 37.40
C VAL B 184 -23.25 -30.87 38.30
N LEU B 185 -24.13 -31.12 39.26
CA LEU B 185 -24.02 -32.28 40.19
C LEU B 185 -25.27 -33.15 40.06
N VAL B 186 -25.08 -34.40 39.65
CA VAL B 186 -26.20 -35.37 39.45
C VAL B 186 -26.02 -36.47 40.47
N VAL B 187 -26.96 -36.56 41.41
CA VAL B 187 -26.81 -37.50 42.55
C VAL B 187 -27.71 -38.70 42.27
N LEU B 188 -27.20 -39.91 42.46
CA LEU B 188 -28.02 -41.14 42.42
C LEU B 188 -28.30 -41.54 43.87
N GLU B 189 -29.57 -41.61 44.26
CA GLU B 189 -29.93 -42.05 45.62
C GLU B 189 -29.91 -43.57 45.62
N THR B 190 -28.87 -44.18 46.18
CA THR B 190 -28.77 -45.65 46.28
C THR B 190 -27.77 -46.02 47.38
N VAL B 191 -27.96 -47.16 48.01
CA VAL B 191 -26.91 -47.73 48.90
C VAL B 191 -26.08 -48.67 48.05
N PRO B 192 -24.85 -48.29 47.68
CA PRO B 192 -24.05 -49.10 46.75
C PRO B 192 -23.85 -50.53 47.27
N ARG B 193 -23.98 -51.50 46.35
CA ARG B 193 -23.84 -52.95 46.67
C ARG B 193 -22.62 -53.47 45.89
N ARG B 194 -21.78 -54.27 46.54
CA ARG B 194 -20.63 -54.92 45.87
C ARG B 194 -21.17 -55.81 44.76
N GLY B 195 -20.53 -55.78 43.58
CA GLY B 195 -20.96 -56.57 42.41
C GLY B 195 -22.01 -55.83 41.60
N ASP B 196 -22.23 -54.56 41.90
CA ASP B 196 -23.17 -53.72 41.10
C ASP B 196 -22.30 -52.71 40.34
N SER B 197 -22.72 -52.36 39.13
CA SER B 197 -22.01 -51.37 38.28
C SER B 197 -22.75 -50.03 38.34
N TYR B 198 -22.06 -48.97 38.73
CA TYR B 198 -22.62 -47.60 38.78
C TYR B 198 -21.78 -46.76 37.84
N VAL B 199 -22.38 -46.29 36.74
CA VAL B 199 -21.60 -45.50 35.73
C VAL B 199 -22.27 -44.14 35.52
N CYS B 200 -21.49 -43.08 35.64
CA CYS B 200 -21.92 -41.70 35.28
C CYS B 200 -21.51 -41.47 33.83
N ARG B 201 -22.49 -41.29 32.95
CA ARG B 201 -22.18 -41.03 31.53
C ARG B 201 -22.47 -39.58 31.21
N VAL B 202 -21.47 -38.91 30.61
CA VAL B 202 -21.48 -37.47 30.27
C VAL B 202 -21.29 -37.28 28.76
N GLU B 203 -22.25 -36.61 28.15
CA GLU B 203 -22.20 -36.20 26.72
C GLU B 203 -22.11 -34.68 26.66
N HIS B 204 -21.12 -34.18 25.92
CA HIS B 204 -20.87 -32.72 25.74
C HIS B 204 -20.21 -32.48 24.37
N ALA B 205 -20.59 -31.38 23.70
CA ALA B 205 -20.05 -30.91 22.41
C ALA B 205 -18.51 -31.02 22.34
N SER B 206 -17.79 -30.86 23.44
CA SER B 206 -16.30 -30.91 23.49
C SER B 206 -15.77 -32.33 23.27
N LEU B 207 -16.65 -33.34 23.33
CA LEU B 207 -16.29 -34.78 23.45
C LEU B 207 -16.61 -35.56 22.17
N ARG B 208 -15.60 -36.22 21.57
CA ARG B 208 -15.80 -37.20 20.45
C ARG B 208 -16.56 -38.42 21.03
N GLN B 209 -16.05 -39.05 22.11
CA GLN B 209 -16.68 -40.23 22.79
C GLN B 209 -17.19 -39.79 24.16
N PRO B 210 -18.42 -40.18 24.62
CA PRO B 210 -18.90 -39.75 25.94
C PRO B 210 -17.96 -40.21 27.05
N ILE B 211 -17.97 -39.53 28.19
CA ILE B 211 -17.19 -40.01 29.37
C ILE B 211 -18.15 -40.87 30.20
N SER B 212 -17.76 -42.12 30.35
CA SER B 212 -18.34 -43.14 31.25
C SER B 212 -17.42 -43.26 32.46
N GLN B 213 -17.78 -42.59 33.56
CA GLN B 213 -16.99 -42.62 34.81
C GLN B 213 -17.66 -43.63 35.73
N ALA B 214 -17.01 -44.76 35.96
CA ALA B 214 -17.57 -45.85 36.79
C ALA B 214 -17.22 -45.54 38.23
N TRP B 215 -18.05 -45.97 39.15
CA TRP B 215 -17.68 -45.89 40.58
C TRP B 215 -17.38 -47.29 41.10
N GLU B 216 -16.22 -47.48 41.74
CA GLU B 216 -15.86 -48.75 42.43
C GLU B 216 -15.63 -48.49 43.93
N PRO B 217 -16.11 -49.37 44.84
CA PRO B 217 -15.79 -49.26 46.27
C PRO B 217 -14.32 -49.46 46.66
N PRO B 218 -14.00 -49.50 47.98
CA PRO B 218 -12.67 -49.90 48.46
C PRO B 218 -12.53 -51.40 48.77
N ARG C 2 31.04 2.48 1.06
CA ARG C 2 29.71 2.00 0.57
C ARG C 2 28.62 2.38 1.57
N ARG C 3 27.66 3.19 1.15
CA ARG C 3 26.59 3.76 2.00
C ARG C 3 25.34 2.91 1.79
N HIS C 4 24.55 2.68 2.84
CA HIS C 4 23.29 1.95 2.71
C HIS C 4 22.14 2.88 3.12
N VAL C 5 20.90 2.48 2.89
CA VAL C 5 19.71 3.31 3.22
C VAL C 5 18.62 2.34 3.64
N LEU C 6 18.15 2.45 4.89
CA LEU C 6 16.87 1.83 5.30
C LEU C 6 15.80 2.91 5.17
N LEU C 7 14.69 2.59 4.51
CA LEU C 7 13.53 3.49 4.30
C LEU C 7 12.31 2.91 5.00
N GLN C 8 11.56 3.76 5.69
CA GLN C 8 10.16 3.49 6.06
C GLN C 8 9.28 4.28 5.08
N ALA C 9 8.50 3.61 4.23
CA ALA C 9 7.75 4.33 3.17
C ALA C 9 6.27 3.98 3.28
N GLU C 10 5.43 5.00 3.41
CA GLU C 10 3.97 4.82 3.57
C GLU C 10 3.28 5.70 2.54
N PHE C 11 2.16 5.25 2.01
CA PHE C 11 1.36 6.09 1.09
C PHE C 11 -0.12 5.87 1.44
N TYR C 12 -0.90 6.94 1.35
CA TYR C 12 -2.36 6.91 1.59
C TYR C 12 -3.01 7.63 0.43
N GLN C 13 -3.96 6.97 -0.23
CA GLN C 13 -4.52 7.48 -1.50
C GLN C 13 -6.01 7.19 -1.53
N ARG C 14 -6.78 8.07 -2.14
CA ARG C 14 -8.25 7.90 -2.27
C ARG C 14 -8.69 8.43 -3.63
N SER C 15 -9.78 7.89 -4.17
CA SER C 15 -10.27 8.28 -5.50
C SER C 15 -11.74 8.71 -5.39
N GLU C 16 -12.08 9.87 -5.96
CA GLU C 16 -13.50 10.31 -6.12
C GLU C 16 -14.05 9.64 -7.38
N GLY C 17 -15.28 9.93 -7.77
CA GLY C 17 -15.96 9.16 -8.83
C GLY C 17 -16.22 7.74 -8.33
N PRO C 18 -15.62 6.69 -8.93
CA PRO C 18 -15.63 5.38 -8.27
C PRO C 18 -14.94 5.61 -6.91
N ASP C 19 -15.60 5.31 -5.79
CA ASP C 19 -15.04 5.68 -4.47
C ASP C 19 -14.22 4.51 -3.91
N LYS C 20 -12.89 4.66 -3.91
CA LYS C 20 -11.96 3.62 -3.43
C LYS C 20 -10.82 4.29 -2.67
N ALA C 21 -10.14 3.54 -1.80
CA ALA C 21 -8.94 4.01 -1.07
C ALA C 21 -7.85 2.95 -1.17
N TRP C 22 -6.59 3.36 -1.11
CA TRP C 22 -5.44 2.43 -1.04
C TRP C 22 -4.54 2.92 0.08
N ALA C 23 -3.83 2.02 0.74
CA ALA C 23 -2.79 2.39 1.71
C ALA C 23 -1.65 1.38 1.64
N GLN C 24 -0.44 1.80 1.98
CA GLN C 24 0.70 0.87 2.05
C GLN C 24 1.67 1.33 3.14
N PHE C 25 2.26 0.40 3.85
CA PHE C 25 3.33 0.66 4.84
C PHE C 25 4.42 -0.36 4.54
N GLY C 26 5.65 0.08 4.30
CA GLY C 26 6.73 -0.85 3.93
C GLY C 26 8.08 -0.38 4.37
N PHE C 27 8.95 -1.33 4.71
CA PHE C 27 10.38 -1.05 5.00
C PHE C 27 11.19 -1.51 3.79
N HIS C 28 12.13 -0.70 3.35
CA HIS C 28 12.96 -1.02 2.16
C HIS C 28 14.43 -0.84 2.54
N PHE C 29 15.29 -1.80 2.18
CA PHE C 29 16.76 -1.67 2.33
C PHE C 29 17.38 -1.47 0.96
N ASP C 30 17.97 -0.30 0.73
CA ASP C 30 18.43 0.10 -0.63
C ASP C 30 17.23 -0.06 -1.55
N ALA C 31 17.35 -0.77 -2.67
CA ALA C 31 16.25 -0.80 -3.66
C ALA C 31 15.27 -1.95 -3.35
N ASP C 32 15.62 -2.82 -2.41
CA ASP C 32 14.82 -4.05 -2.15
C ASP C 32 13.87 -3.84 -0.95
N GLU C 33 12.78 -4.60 -0.92
CA GLU C 33 11.77 -4.57 0.17
C GLU C 33 12.22 -5.53 1.27
N LEU C 34 12.45 -5.03 2.49
CA LEU C 34 12.66 -5.89 3.69
C LEU C 34 11.31 -6.52 4.04
N PHE C 35 10.24 -5.71 4.14
CA PHE C 35 8.91 -6.22 4.52
C PHE C 35 7.83 -5.20 4.19
N HIS C 36 6.58 -5.62 4.26
CA HIS C 36 5.40 -4.74 4.11
C HIS C 36 4.34 -5.22 5.11
N VAL C 37 3.32 -4.41 5.38
CA VAL C 37 2.25 -4.78 6.37
C VAL C 37 0.89 -4.83 5.65
N GLU C 38 0.12 -5.88 5.91
CA GLU C 38 -1.15 -6.12 5.17
C GLU C 38 -2.12 -4.97 5.41
N LEU C 39 -2.26 -4.49 6.66
CA LEU C 39 -3.04 -3.25 6.99
C LEU C 39 -4.54 -3.26 6.57
N ASP C 40 -5.07 -4.48 6.35
CA ASP C 40 -6.51 -4.83 6.55
C ASP C 40 -6.49 -5.94 7.62
N ALA C 41 -5.41 -6.71 7.62
CA ALA C 41 -5.04 -7.67 8.70
C ALA C 41 -3.70 -7.21 9.26
N ALA C 42 -3.43 -7.45 10.53
CA ALA C 42 -2.20 -6.91 11.16
C ALA C 42 -1.03 -7.89 10.99
N GLN C 43 -0.60 -8.15 9.76
CA GLN C 43 0.46 -9.17 9.50
C GLN C 43 1.65 -8.50 8.83
N THR C 44 2.85 -8.79 9.35
CA THR C 44 4.11 -8.37 8.73
C THR C 44 4.53 -9.44 7.72
N VAL C 45 4.47 -9.12 6.42
CA VAL C 45 4.86 -10.03 5.30
C VAL C 45 6.25 -9.65 4.80
N TRP C 46 7.25 -10.49 5.08
CA TRP C 46 8.65 -10.24 4.63
C TRP C 46 8.80 -10.74 3.19
N ARG C 47 9.57 -10.04 2.37
CA ARG C 47 9.67 -10.33 0.91
C ARG C 47 10.30 -11.71 0.74
N LEU C 48 11.35 -11.99 1.51
CA LEU C 48 11.98 -13.34 1.60
C LEU C 48 11.62 -13.94 2.96
N PRO C 49 10.90 -15.08 3.01
CA PRO C 49 10.48 -15.66 4.28
C PRO C 49 11.59 -15.84 5.33
N GLU C 50 12.81 -16.16 4.90
CA GLU C 50 13.98 -16.39 5.80
C GLU C 50 14.26 -15.16 6.68
N PHE C 51 13.88 -13.97 6.23
CA PHE C 51 14.09 -12.69 6.96
C PHE C 51 13.35 -12.71 8.30
N GLY C 52 12.11 -13.22 8.31
CA GLY C 52 11.24 -13.24 9.50
C GLY C 52 11.83 -14.03 10.67
N ARG C 53 12.64 -15.06 10.38
CA ARG C 53 13.31 -15.88 11.41
C ARG C 53 14.39 -15.03 12.11
N PHE C 54 15.10 -14.19 11.35
CA PHE C 54 16.21 -13.34 11.86
C PHE C 54 15.71 -12.13 12.67
N ALA C 55 14.53 -11.58 12.35
CA ALA C 55 14.03 -10.36 13.02
C ALA C 55 12.50 -10.31 13.02
N SER C 56 11.94 -9.43 13.85
CA SER C 56 10.48 -9.29 14.05
C SER C 56 10.05 -7.83 13.92
N PHE C 57 8.77 -7.59 13.64
CA PHE C 57 8.18 -6.23 13.63
C PHE C 57 6.74 -6.31 14.12
N GLU C 58 6.32 -5.34 14.95
CA GLU C 58 4.94 -5.28 15.48
C GLU C 58 4.07 -4.46 14.53
N ALA C 59 3.14 -5.12 13.84
CA ALA C 59 2.28 -4.52 12.81
C ALA C 59 1.38 -3.42 13.39
N GLN C 60 1.25 -3.32 14.71
CA GLN C 60 0.31 -2.35 15.33
C GLN C 60 0.79 -0.94 14.97
N GLY C 61 2.11 -0.69 15.05
CA GLY C 61 2.68 0.65 14.81
C GLY C 61 2.32 1.21 13.44
N ALA C 62 2.20 0.33 12.44
CA ALA C 62 1.78 0.67 11.06
C ALA C 62 0.32 1.14 11.04
N LEU C 63 -0.53 0.50 11.85
CA LEU C 63 -1.98 0.81 11.90
C LEU C 63 -2.18 2.19 12.51
N GLN C 64 -1.37 2.52 13.53
CA GLN C 64 -1.38 3.87 14.16
C GLN C 64 -0.94 4.90 13.11
N ASN C 65 0.15 4.60 12.39
CA ASN C 65 0.69 5.49 11.33
C ASN C 65 -0.37 5.65 10.24
N MET C 66 -1.10 4.57 9.93
CA MET C 66 -2.10 4.57 8.83
C MET C 66 -3.24 5.53 9.17
N ALA C 67 -3.67 5.55 10.43
CA ALA C 67 -4.79 6.41 10.90
C ALA C 67 -4.40 7.89 10.76
N VAL C 68 -3.23 8.25 11.29
CA VAL C 68 -2.66 9.62 11.13
C VAL C 68 -2.59 9.95 9.63
N GLY C 69 -2.05 9.03 8.83
CA GLY C 69 -1.84 9.22 7.38
C GLY C 69 -3.14 9.52 6.65
N LYS C 70 -4.21 8.79 6.94
CA LYS C 70 -5.53 8.97 6.29
C LYS C 70 -6.16 10.30 6.72
N GLN C 71 -5.85 10.76 7.95
CA GLN C 71 -6.27 12.12 8.41
C GLN C 71 -5.45 13.16 7.66
N ASN C 72 -4.12 12.99 7.67
CA ASN C 72 -3.18 13.93 7.00
C ASN C 72 -3.60 14.10 5.54
N LEU C 73 -4.03 13.03 4.90
CA LEU C 73 -4.49 13.07 3.49
C LEU C 73 -5.65 14.04 3.37
N GLU C 74 -6.71 13.86 4.18
CA GLU C 74 -7.94 14.71 4.14
C GLU C 74 -7.59 16.17 4.46
N VAL C 75 -6.64 16.39 5.37
CA VAL C 75 -6.14 17.75 5.72
C VAL C 75 -5.47 18.35 4.48
N MET C 76 -4.59 17.59 3.82
CA MET C 76 -3.78 18.12 2.71
C MET C 76 -4.66 18.26 1.46
N ILE C 77 -5.73 17.46 1.35
CA ILE C 77 -6.80 17.62 0.33
C ILE C 77 -7.51 18.97 0.53
N SER C 78 -7.89 19.31 1.78
CA SER C 78 -8.61 20.56 2.14
C SER C 78 -7.67 21.75 1.90
N ASN C 79 -6.49 21.71 2.52
CA ASN C 79 -5.46 22.78 2.46
C ASN C 79 -5.09 23.08 1.01
N SER C 80 -5.08 22.07 0.13
CA SER C 80 -4.59 22.20 -1.27
C SER C 80 -5.69 22.75 -2.17
N ASN C 81 -6.89 22.97 -1.62
CA ASN C 81 -8.07 23.38 -2.41
C ASN C 81 -8.26 22.32 -3.51
N ARG C 82 -8.23 21.05 -3.12
CA ARG C 82 -8.53 19.85 -3.97
C ARG C 82 -7.60 19.79 -5.20
N SER C 83 -6.30 20.07 -5.01
CA SER C 83 -5.29 20.03 -6.09
C SER C 83 -5.08 18.58 -6.55
N GLN C 84 -4.84 18.39 -7.85
CA GLN C 84 -4.61 17.04 -8.47
C GLN C 84 -3.34 17.09 -9.31
N GLN C 85 -2.64 15.95 -9.44
CA GLN C 85 -1.37 15.84 -10.19
C GLN C 85 -1.60 14.92 -11.40
N ASP C 86 -0.93 15.22 -12.52
CA ASP C 86 -1.03 14.42 -13.77
C ASP C 86 -0.39 13.05 -13.53
N PHE C 87 -1.03 11.99 -14.06
CA PHE C 87 -0.54 10.59 -13.99
C PHE C 87 0.68 10.44 -14.90
N VAL C 88 1.58 9.51 -14.57
CA VAL C 88 2.75 9.13 -15.42
C VAL C 88 2.59 7.67 -15.86
N THR C 89 2.34 7.44 -17.15
CA THR C 89 2.15 6.08 -17.71
C THR C 89 3.48 5.36 -17.51
N PRO C 90 3.43 4.10 -17.04
CA PRO C 90 4.64 3.32 -16.79
C PRO C 90 5.38 2.88 -18.05
N GLU C 91 6.70 2.76 -17.88
CA GLU C 91 7.58 1.93 -18.72
C GLU C 91 7.39 0.48 -18.26
N LEU C 92 7.75 -0.49 -19.11
CA LEU C 92 7.57 -1.92 -18.80
C LEU C 92 8.84 -2.66 -19.17
N ALA C 93 9.38 -3.45 -18.26
CA ALA C 93 10.48 -4.40 -18.53
C ALA C 93 9.94 -5.83 -18.36
N LEU C 94 10.19 -6.70 -19.34
CA LEU C 94 9.79 -8.13 -19.35
C LEU C 94 11.01 -8.99 -19.65
N PHE C 95 11.42 -9.85 -18.73
CA PHE C 95 12.64 -10.66 -18.91
C PHE C 95 12.62 -11.85 -17.96
N PRO C 96 13.24 -12.98 -18.32
CA PRO C 96 13.29 -14.12 -17.43
C PRO C 96 14.33 -13.93 -16.34
N ALA C 97 14.14 -14.62 -15.23
CA ALA C 97 15.03 -14.54 -14.04
C ALA C 97 16.37 -15.21 -14.37
N GLU C 98 16.33 -16.36 -15.05
CA GLU C 98 17.53 -17.20 -15.27
C GLU C 98 17.62 -17.50 -16.77
N ALA C 99 18.77 -17.98 -17.20
CA ALA C 99 18.99 -18.59 -18.53
C ALA C 99 17.84 -19.54 -18.86
N VAL C 100 17.29 -19.49 -20.08
CA VAL C 100 16.15 -20.36 -20.46
C VAL C 100 16.63 -21.71 -21.02
N SER C 101 16.15 -22.81 -20.46
CA SER C 101 16.26 -24.19 -21.01
C SER C 101 14.90 -24.86 -21.07
N LEU C 102 14.66 -25.55 -22.17
CA LEU C 102 13.36 -26.23 -22.38
C LEU C 102 13.10 -27.19 -21.22
N GLU C 103 11.88 -27.13 -20.67
CA GLU C 103 11.40 -27.98 -19.55
C GLU C 103 12.11 -27.65 -18.24
N GLU C 104 13.01 -26.65 -18.14
CA GLU C 104 13.56 -26.23 -16.82
C GLU C 104 12.66 -25.16 -16.22
N PRO C 105 12.00 -25.45 -15.08
CA PRO C 105 11.24 -24.41 -14.38
C PRO C 105 12.03 -23.10 -14.33
N ASN C 106 11.38 -22.01 -14.74
CA ASN C 106 11.96 -20.65 -14.71
C ASN C 106 10.87 -19.70 -14.21
N VAL C 107 11.19 -18.40 -14.10
CA VAL C 107 10.21 -17.34 -13.75
C VAL C 107 10.35 -16.22 -14.77
N LEU C 108 9.23 -15.67 -15.22
CA LEU C 108 9.23 -14.45 -16.06
C LEU C 108 9.01 -13.27 -15.10
N ILE C 109 9.84 -12.25 -15.18
CA ILE C 109 9.73 -11.03 -14.33
C ILE C 109 9.18 -9.91 -15.22
N CYS C 110 8.06 -9.31 -14.84
CA CYS C 110 7.52 -8.11 -15.52
C CYS C 110 7.49 -6.98 -14.50
N TYR C 111 8.25 -5.89 -14.72
CA TYR C 111 8.22 -4.75 -13.78
C TYR C 111 7.77 -3.50 -14.52
N ALA C 112 6.88 -2.75 -13.88
CA ALA C 112 6.46 -1.41 -14.35
C ALA C 112 7.33 -0.39 -13.60
N ASP C 113 7.84 0.64 -14.28
CA ASP C 113 8.80 1.60 -13.67
C ASP C 113 8.38 3.02 -14.02
N LYS C 114 8.85 3.98 -13.21
CA LYS C 114 8.70 5.45 -13.42
C LYS C 114 7.23 5.81 -13.60
N PHE C 115 6.35 5.30 -12.72
CA PHE C 115 4.89 5.56 -12.83
C PHE C 115 4.44 6.31 -11.55
N TRP C 116 3.31 7.02 -11.70
CA TRP C 116 2.53 7.64 -10.59
C TRP C 116 1.12 7.87 -11.13
N PRO C 117 0.00 7.67 -10.40
CA PRO C 117 -0.02 7.23 -8.99
C PRO C 117 0.34 5.76 -8.80
N PRO C 118 0.58 5.30 -7.55
CA PRO C 118 0.95 3.91 -7.29
C PRO C 118 -0.24 2.94 -7.37
N VAL C 119 -0.85 2.86 -8.55
CA VAL C 119 -2.00 1.97 -8.83
C VAL C 119 -1.76 1.33 -10.19
N ALA C 120 -1.30 0.08 -10.22
CA ALA C 120 -1.08 -0.67 -11.48
C ALA C 120 -1.37 -2.15 -11.30
N THR C 121 -2.09 -2.74 -12.27
CA THR C 121 -2.40 -4.19 -12.31
C THR C 121 -1.71 -4.78 -13.54
N MET C 122 -1.09 -5.95 -13.38
CA MET C 122 -0.37 -6.61 -14.50
C MET C 122 -1.14 -7.87 -14.90
N GLU C 123 -1.42 -8.03 -16.20
CA GLU C 123 -2.13 -9.20 -16.75
C GLU C 123 -1.16 -10.01 -17.61
N TRP C 124 -0.94 -11.29 -17.25
CA TRP C 124 -0.08 -12.21 -18.04
C TRP C 124 -0.91 -13.00 -19.05
N ARG C 125 -0.33 -13.29 -20.21
CA ARG C 125 -0.99 -14.14 -21.24
C ARG C 125 0.04 -15.11 -21.81
N ARG C 126 -0.38 -16.35 -22.11
CA ARG C 126 0.45 -17.31 -22.87
C ARG C 126 -0.35 -17.69 -24.12
N ASN C 127 0.22 -17.52 -25.30
CA ASN C 127 -0.45 -17.86 -26.59
C ASN C 127 -1.89 -17.32 -26.59
N GLY C 128 -2.07 -16.08 -26.09
CA GLY C 128 -3.33 -15.32 -26.15
C GLY C 128 -4.26 -15.60 -24.98
N ALA C 129 -3.84 -16.43 -24.04
CA ALA C 129 -4.72 -16.89 -22.93
C ALA C 129 -4.17 -16.37 -21.60
N VAL C 130 -5.04 -15.84 -20.77
CA VAL C 130 -4.65 -15.30 -19.44
C VAL C 130 -4.05 -16.44 -18.64
N VAL C 131 -2.93 -16.19 -17.95
CA VAL C 131 -2.32 -17.14 -16.98
C VAL C 131 -2.33 -16.40 -15.63
N SER C 132 -2.72 -17.08 -14.55
CA SER C 132 -2.81 -16.45 -13.23
C SER C 132 -2.04 -17.26 -12.18
N GLU C 133 -1.73 -18.53 -12.46
CA GLU C 133 -1.27 -19.47 -11.40
C GLU C 133 0.14 -19.14 -10.98
N GLY C 134 0.35 -18.92 -9.67
CA GLY C 134 1.69 -18.69 -9.09
C GLY C 134 2.17 -17.26 -9.23
N VAL C 135 1.36 -16.38 -9.84
CA VAL C 135 1.75 -14.96 -10.08
C VAL C 135 1.92 -14.30 -8.72
N TYR C 136 3.09 -13.69 -8.49
CA TYR C 136 3.34 -12.83 -7.30
C TYR C 136 3.35 -11.40 -7.81
N ASP C 137 2.51 -10.55 -7.23
CA ASP C 137 2.52 -9.09 -7.52
C ASP C 137 3.11 -8.43 -6.30
N SER C 138 4.13 -7.60 -6.49
CA SER C 138 4.81 -6.88 -5.37
C SER C 138 3.90 -5.72 -4.94
N VAL C 139 4.24 -5.13 -3.79
CA VAL C 139 3.72 -3.79 -3.39
C VAL C 139 4.49 -2.73 -4.19
N TYR C 140 3.95 -1.52 -4.31
CA TYR C 140 4.58 -0.42 -5.10
C TYR C 140 5.87 0.03 -4.41
N TYR C 141 6.99 -0.04 -5.14
CA TYR C 141 8.34 0.26 -4.57
C TYR C 141 8.74 1.68 -4.95
N GLY C 142 9.28 2.42 -4.00
CA GLY C 142 9.62 3.84 -4.20
C GLY C 142 10.80 4.00 -5.12
N ARG C 143 10.67 4.90 -6.11
CA ARG C 143 11.73 5.17 -7.11
C ARG C 143 12.02 6.67 -7.17
N PRO C 144 13.18 7.12 -7.67
CA PRO C 144 13.50 8.54 -7.73
C PRO C 144 12.46 9.43 -8.46
N ASP C 145 12.30 10.67 -7.96
CA ASP C 145 11.36 11.70 -8.49
C ASP C 145 9.95 11.36 -8.05
N LEU C 146 9.82 10.69 -6.90
CA LEU C 146 8.53 10.32 -6.28
C LEU C 146 7.72 9.47 -7.26
N LEU C 147 8.40 8.54 -7.91
CA LEU C 147 7.76 7.59 -8.87
C LEU C 147 7.80 6.18 -8.27
N PHE C 148 7.09 5.23 -8.86
CA PHE C 148 7.04 3.87 -8.25
C PHE C 148 7.51 2.82 -9.27
N ARG C 149 7.83 1.64 -8.74
CA ARG C 149 8.09 0.39 -9.51
C ARG C 149 7.25 -0.74 -8.89
N LYS C 150 6.61 -1.57 -9.72
CA LYS C 150 5.87 -2.79 -9.27
C LYS C 150 6.38 -3.99 -10.06
N PHE C 151 6.56 -5.13 -9.39
CA PHE C 151 7.10 -6.37 -9.99
C PHE C 151 6.00 -7.44 -10.04
N SER C 152 5.81 -8.07 -11.18
CA SER C 152 4.96 -9.29 -11.27
C SER C 152 5.85 -10.45 -11.68
N TYR C 153 5.64 -11.62 -11.09
CA TYR C 153 6.46 -12.83 -11.41
C TYR C 153 5.55 -13.95 -11.87
N LEU C 154 5.76 -14.47 -13.08
CA LEU C 154 5.01 -15.65 -13.59
C LEU C 154 5.92 -16.87 -13.57
N PRO C 155 5.67 -17.87 -12.70
CA PRO C 155 6.39 -19.14 -12.75
C PRO C 155 6.01 -19.82 -14.06
N PHE C 156 6.96 -20.39 -14.79
CA PHE C 156 6.66 -20.98 -16.12
C PHE C 156 7.63 -22.11 -16.40
N VAL C 157 7.22 -22.99 -17.31
CA VAL C 157 8.09 -24.06 -17.85
C VAL C 157 8.32 -23.74 -19.33
N PRO C 158 9.56 -23.45 -19.73
CA PRO C 158 9.83 -23.08 -21.12
C PRO C 158 9.50 -24.24 -22.07
N GLN C 159 8.67 -23.97 -23.06
CA GLN C 159 8.30 -24.95 -24.10
C GLN C 159 8.29 -24.25 -25.46
N ARG C 160 8.57 -24.98 -26.52
CA ARG C 160 8.68 -24.43 -27.89
C ARG C 160 7.32 -23.88 -28.35
N GLY C 161 7.35 -22.78 -29.10
CA GLY C 161 6.16 -22.15 -29.69
C GLY C 161 5.42 -21.25 -28.72
N ASP C 162 5.88 -21.14 -27.48
CA ASP C 162 5.09 -20.39 -26.46
C ASP C 162 5.48 -18.91 -26.55
N VAL C 163 4.50 -18.04 -26.74
CA VAL C 163 4.70 -16.56 -26.73
C VAL C 163 3.98 -15.99 -25.53
N TYR C 164 4.71 -15.34 -24.63
CA TYR C 164 4.14 -14.75 -23.39
C TYR C 164 3.99 -13.23 -23.56
N SER C 165 3.00 -12.67 -22.88
CA SER C 165 2.71 -11.22 -22.92
C SER C 165 2.53 -10.72 -21.48
N CYS C 166 3.05 -9.53 -21.16
CA CYS C 166 2.75 -8.83 -19.90
C CYS C 166 2.09 -7.50 -20.25
N ALA C 167 0.95 -7.18 -19.65
CA ALA C 167 0.29 -5.88 -19.88
C ALA C 167 0.00 -5.24 -18.53
N VAL C 168 0.10 -3.91 -18.47
CA VAL C 168 -0.19 -3.11 -17.25
C VAL C 168 -1.33 -2.17 -17.61
N ARG C 169 -2.36 -2.14 -16.76
CA ARG C 169 -3.47 -1.16 -16.84
C ARG C 169 -3.20 -0.12 -15.74
N HIS C 170 -3.22 1.17 -16.10
CA HIS C 170 -2.84 2.31 -15.22
C HIS C 170 -4.08 3.18 -14.95
N TRP C 171 -4.07 3.95 -13.86
CA TRP C 171 -5.23 4.80 -13.46
C TRP C 171 -5.62 5.73 -14.62
N GLY C 172 -4.64 6.30 -15.32
CA GLY C 172 -4.88 7.20 -16.48
C GLY C 172 -5.99 6.68 -17.38
N GLY C 175 -5.82 2.89 -21.63
CA GLY C 175 -5.29 1.85 -22.52
C GLY C 175 -4.01 1.21 -21.96
N PRO C 176 -3.77 -0.11 -22.20
CA PRO C 176 -2.63 -0.79 -21.61
C PRO C 176 -1.27 -0.65 -22.33
N VAL C 177 -0.20 -1.00 -21.63
CA VAL C 177 1.18 -1.07 -22.19
C VAL C 177 1.60 -2.54 -22.18
N GLN C 178 2.00 -3.09 -23.33
CA GLN C 178 2.24 -4.55 -23.46
C GLN C 178 3.68 -4.75 -23.91
N ARG C 179 4.34 -5.76 -23.37
CA ARG C 179 5.63 -6.27 -23.90
C ARG C 179 5.40 -7.74 -24.20
N MET C 180 6.07 -8.26 -25.23
CA MET C 180 5.96 -9.66 -25.66
C MET C 180 7.28 -10.34 -25.28
N TRP C 181 7.27 -11.63 -24.99
CA TRP C 181 8.54 -12.38 -24.83
C TRP C 181 8.34 -13.84 -25.24
N GLU C 182 9.35 -14.44 -25.86
CA GLU C 182 9.29 -15.83 -26.31
C GLU C 182 10.68 -16.43 -26.13
N PRO C 183 10.78 -17.75 -25.92
CA PRO C 183 12.06 -18.40 -25.71
C PRO C 183 12.91 -18.33 -26.98
N GLU C 184 14.22 -18.20 -26.83
CA GLU C 184 15.14 -18.33 -27.99
C GLU C 184 15.90 -19.64 -27.79
N VAL C 185 15.60 -20.66 -28.59
CA VAL C 185 16.27 -21.98 -28.49
C VAL C 185 17.06 -22.22 -29.77
N PRO C 186 18.34 -22.63 -29.69
CA PRO C 186 19.20 -22.72 -30.87
C PRO C 186 18.68 -23.51 -32.08
N GLU C 187 17.86 -24.56 -31.85
CA GLU C 187 17.39 -25.42 -32.98
C GLU C 187 15.87 -25.63 -32.93
N PRO D 3 16.64 -11.35 21.14
CA PRO D 3 15.29 -10.99 20.72
C PRO D 3 15.29 -9.71 19.85
N ALA D 4 15.10 -9.87 18.53
CA ALA D 4 15.44 -8.85 17.49
C ALA D 4 14.18 -8.11 16.98
N VAL D 5 13.81 -6.99 17.66
CA VAL D 5 12.62 -6.14 17.36
C VAL D 5 13.01 -4.98 16.42
N VAL D 6 12.25 -4.74 15.34
CA VAL D 6 12.46 -3.60 14.39
C VAL D 6 11.50 -2.47 14.79
N HIS D 7 11.98 -1.23 14.77
CA HIS D 7 11.21 -0.05 15.24
C HIS D 7 10.69 0.78 14.05
N SER D 8 9.41 1.13 14.09
CA SER D 8 8.76 2.06 13.13
C SER D 8 9.15 3.49 13.51
N VAL D 9 8.57 4.48 12.83
CA VAL D 9 8.72 5.92 13.18
C VAL D 9 7.30 6.43 13.39
N ARG D 10 7.02 7.02 14.55
CA ARG D 10 5.66 7.51 14.87
C ARG D 10 5.32 8.63 13.89
N ALA D 11 4.09 8.61 13.35
CA ALA D 11 3.61 9.62 12.37
C ALA D 11 3.39 10.98 13.08
N LEU D 12 3.42 12.08 12.32
CA LEU D 12 3.14 13.44 12.86
C LEU D 12 1.83 13.91 12.22
N MET D 13 0.86 14.31 13.03
CA MET D 13 -0.46 14.82 12.54
C MET D 13 -0.23 16.22 11.98
N LEU D 14 -0.98 16.66 10.96
CA LEU D 14 -0.74 18.01 10.43
C LEU D 14 -1.97 18.91 10.59
N ALA D 15 -1.71 20.21 10.72
CA ALA D 15 -2.67 21.31 10.99
C ALA D 15 -3.51 21.64 9.74
N GLU D 16 -4.83 21.62 9.84
CA GLU D 16 -5.74 22.25 8.83
C GLU D 16 -5.42 23.76 8.86
N ARG D 17 -5.55 24.51 7.76
CA ARG D 17 -5.18 25.95 7.69
C ARG D 17 -5.96 26.66 6.58
N GLY D 32 -11.87 13.09 -8.79
CA GLY D 32 -10.42 13.31 -8.87
C GLY D 32 -9.60 12.36 -8.00
N SER D 33 -8.27 12.35 -8.19
CA SER D 33 -7.28 11.48 -7.50
C SER D 33 -6.47 12.31 -6.48
N PHE D 34 -6.27 11.79 -5.26
CA PHE D 34 -5.51 12.46 -4.17
C PHE D 34 -4.55 11.48 -3.50
N PHE D 35 -3.31 11.89 -3.23
CA PHE D 35 -2.25 11.02 -2.66
C PHE D 35 -1.51 11.75 -1.54
N TYR D 36 -1.23 11.07 -0.43
CA TYR D 36 -0.35 11.61 0.64
C TYR D 36 0.72 10.55 0.94
N GLY D 37 1.97 10.94 1.17
CA GLY D 37 3.06 9.98 1.43
C GLY D 37 4.01 10.41 2.53
N LYS D 38 4.68 9.43 3.14
CA LYS D 38 5.71 9.65 4.19
C LYS D 38 6.88 8.74 3.87
N ILE D 39 8.08 9.29 3.74
CA ILE D 39 9.29 8.45 3.52
C ILE D 39 10.31 8.78 4.60
N GLY D 40 10.54 7.84 5.52
CA GLY D 40 11.54 7.99 6.58
C GLY D 40 12.83 7.30 6.19
N GLU D 41 13.90 8.07 5.97
CA GLU D 41 15.16 7.51 5.44
C GLU D 41 16.21 7.49 6.52
N CYS D 42 16.73 6.31 6.83
CA CYS D 42 17.88 6.13 7.74
C CYS D 42 19.12 5.93 6.85
N HIS D 43 19.79 7.02 6.48
CA HIS D 43 21.05 6.97 5.70
C HIS D 43 22.23 6.55 6.57
N TYR D 44 22.95 5.50 6.19
CA TYR D 44 24.14 5.01 6.91
C TYR D 44 25.41 5.27 6.09
N LEU D 45 26.42 5.88 6.69
CA LEU D 45 27.75 6.04 6.06
C LEU D 45 28.79 5.35 6.94
N ASN D 46 29.65 4.53 6.34
CA ASN D 46 30.64 3.73 7.10
C ASN D 46 29.88 3.02 8.23
N GLY D 47 28.61 2.66 7.97
CA GLY D 47 27.74 1.98 8.94
C GLY D 47 27.19 2.92 9.99
N THR D 48 27.30 2.54 11.27
CA THR D 48 26.73 3.30 12.41
C THR D 48 27.58 4.55 12.69
N GLU D 49 28.83 4.61 12.18
CA GLU D 49 29.77 5.73 12.47
C GLU D 49 29.12 7.07 12.12
N ARG D 50 28.52 7.20 10.94
CA ARG D 50 27.77 8.42 10.55
C ARG D 50 26.36 8.01 10.11
N VAL D 51 25.34 8.57 10.75
CA VAL D 51 23.90 8.26 10.45
C VAL D 51 23.17 9.59 10.26
N ARG D 52 22.27 9.66 9.28
CA ARG D 52 21.44 10.86 9.03
C ARG D 52 20.01 10.40 8.82
N PHE D 53 19.04 11.00 9.50
CA PHE D 53 17.61 10.64 9.38
C PHE D 53 16.89 11.76 8.64
N LEU D 54 16.22 11.42 7.56
CA LEU D 54 15.46 12.39 6.74
C LEU D 54 14.01 11.92 6.74
N ASP D 55 13.08 12.78 7.12
CA ASP D 55 11.64 12.45 7.08
C ASP D 55 11.02 13.33 6.00
N ARG D 56 10.42 12.74 4.98
CA ARG D 56 9.88 13.51 3.84
C ARG D 56 8.36 13.44 3.88
N GLN D 57 7.69 14.58 3.71
CA GLN D 57 6.21 14.62 3.73
C GLN D 57 5.78 15.03 2.33
N ILE D 58 4.93 14.22 1.69
CA ILE D 58 4.61 14.41 0.25
C ILE D 58 3.09 14.48 0.11
N TYR D 59 2.61 15.40 -0.74
CA TYR D 59 1.20 15.42 -1.19
C TYR D 59 1.22 15.38 -2.72
N ASN D 60 0.41 14.52 -3.31
CA ASN D 60 0.46 14.30 -4.78
C ASN D 60 1.92 14.01 -5.15
N ARG D 61 2.54 14.73 -6.08
CA ARG D 61 3.91 14.38 -6.50
C ARG D 61 4.91 15.45 -6.01
N GLN D 62 4.56 16.20 -4.97
CA GLN D 62 5.41 17.31 -4.48
C GLN D 62 5.72 17.07 -3.00
N GLN D 63 6.98 17.12 -2.63
CA GLN D 63 7.42 17.01 -1.21
C GLN D 63 7.21 18.38 -0.56
N PHE D 64 6.20 18.54 0.33
CA PHE D 64 5.85 19.85 0.95
C PHE D 64 6.83 20.22 2.07
N ALA D 65 7.40 19.25 2.79
CA ALA D 65 8.35 19.54 3.90
C ALA D 65 9.21 18.32 4.23
N HIS D 66 10.33 18.56 4.91
CA HIS D 66 11.31 17.49 5.23
C HIS D 66 12.05 17.85 6.51
N PHE D 67 12.47 16.83 7.27
CA PHE D 67 13.25 16.98 8.52
C PHE D 67 14.62 16.33 8.33
N ASP D 68 15.70 17.09 8.53
CA ASP D 68 17.09 16.58 8.41
C ASP D 68 17.72 16.51 9.81
N SER D 69 18.18 15.32 10.22
CA SER D 69 18.77 15.09 11.57
C SER D 69 19.92 16.06 11.78
N ASP D 70 20.70 16.31 10.73
CA ASP D 70 21.88 17.20 10.81
C ASP D 70 21.43 18.63 11.02
N VAL D 71 20.31 19.04 10.40
CA VAL D 71 19.72 20.40 10.65
C VAL D 71 19.11 20.43 12.06
N GLY D 72 18.37 19.40 12.47
CA GLY D 72 17.66 19.37 13.76
C GLY D 72 16.30 20.04 13.69
N LYS D 73 15.87 20.48 12.51
CA LYS D 73 14.58 21.21 12.33
C LYS D 73 13.90 20.74 11.03
N PHE D 74 12.61 20.99 10.89
CA PHE D 74 11.86 20.80 9.64
C PHE D 74 12.15 21.96 8.69
N VAL D 75 12.29 21.67 7.39
CA VAL D 75 12.43 22.70 6.32
C VAL D 75 11.26 22.51 5.36
N ALA D 76 10.58 23.60 5.00
CA ALA D 76 9.49 23.57 4.00
C ALA D 76 10.08 23.59 2.60
N ASP D 77 9.60 22.72 1.72
CA ASP D 77 10.10 22.58 0.33
C ASP D 77 9.09 23.21 -0.63
N THR D 78 7.87 23.47 -0.16
CA THR D 78 6.79 24.12 -0.96
C THR D 78 6.05 25.12 -0.05
N PRO D 79 5.27 26.06 -0.63
CA PRO D 79 4.44 26.97 0.16
C PRO D 79 3.38 26.27 1.03
N LEU D 80 2.86 25.13 0.55
CA LEU D 80 1.91 24.30 1.33
C LEU D 80 2.59 23.70 2.57
N GLY D 81 3.89 23.45 2.48
CA GLY D 81 4.68 22.90 3.59
C GLY D 81 4.96 23.92 4.69
N GLU D 82 5.00 25.21 4.37
CA GLU D 82 5.43 26.26 5.36
C GLU D 82 4.53 26.25 6.60
N PRO D 83 3.18 26.25 6.48
CA PRO D 83 2.33 26.15 7.67
C PRO D 83 2.64 24.92 8.53
N GLN D 84 2.81 23.75 7.90
CA GLN D 84 3.03 22.46 8.59
C GLN D 84 4.43 22.43 9.21
N ALA D 85 5.40 23.06 8.55
CA ALA D 85 6.80 23.08 9.04
C ALA D 85 6.90 23.97 10.29
N GLU D 86 6.19 25.10 10.28
CA GLU D 86 6.19 26.04 11.43
C GLU D 86 5.57 25.34 12.66
N TYR D 87 4.42 24.69 12.47
CA TYR D 87 3.67 23.97 13.53
C TYR D 87 4.56 22.92 14.18
N TRP D 88 5.26 22.12 13.38
CA TRP D 88 6.15 21.05 13.88
C TRP D 88 7.38 21.67 14.55
N ASN D 89 7.89 22.77 14.02
CA ASN D 89 9.11 23.43 14.55
C ASN D 89 8.78 24.17 15.85
N SER D 90 7.49 24.50 16.03
CA SER D 90 6.96 25.11 17.28
C SER D 90 7.02 24.09 18.43
N ASN D 91 6.80 22.79 18.15
CA ASN D 91 6.83 21.72 19.19
C ASN D 91 8.27 21.23 19.38
N ALA D 92 8.99 21.75 20.37
CA ALA D 92 10.40 21.41 20.64
C ALA D 92 10.53 19.96 21.10
N GLU D 93 9.47 19.43 21.73
CA GLU D 93 9.49 18.03 22.23
C GLU D 93 9.44 17.07 21.05
N LEU D 94 8.66 17.41 20.01
CA LEU D 94 8.57 16.64 18.75
C LEU D 94 9.96 16.57 18.10
N LEU D 95 10.63 17.71 17.99
CA LEU D 95 11.95 17.80 17.30
C LEU D 95 12.98 16.94 18.05
N GLU D 96 12.86 16.88 19.38
CA GLU D 96 13.81 16.09 20.21
C GLU D 96 13.58 14.59 19.99
N ASN D 97 12.32 14.18 19.84
CA ASN D 97 11.96 12.76 19.61
C ASN D 97 12.49 12.33 18.24
N LEU D 98 12.32 13.17 17.22
CA LEU D 98 12.78 12.89 15.83
C LEU D 98 14.29 12.71 15.83
N MET D 99 15.02 13.54 16.57
CA MET D 99 16.49 13.41 16.71
C MET D 99 16.83 12.11 17.44
N ASN D 100 15.97 11.69 18.36
CA ASN D 100 16.14 10.41 19.10
C ASN D 100 15.93 9.22 18.15
N GLU D 101 15.12 9.40 17.10
CA GLU D 101 14.80 8.33 16.13
C GLU D 101 16.10 7.89 15.44
N VAL D 102 17.09 8.79 15.33
CA VAL D 102 18.42 8.44 14.77
C VAL D 102 18.99 7.26 15.53
N ASP D 103 18.78 7.19 16.85
CA ASP D 103 19.27 6.03 17.65
C ASP D 103 18.12 5.02 17.78
N ARG D 104 16.91 5.47 18.08
CA ARG D 104 15.78 4.57 18.39
C ARG D 104 15.45 3.69 17.18
N VAL D 105 15.44 4.27 15.98
CA VAL D 105 15.02 3.56 14.73
C VAL D 105 16.28 3.22 13.93
N CYS D 106 17.03 4.24 13.52
CA CYS D 106 18.11 4.07 12.52
C CYS D 106 19.22 3.19 13.12
N ARG D 107 19.89 3.63 14.18
CA ARG D 107 21.09 2.93 14.71
C ARG D 107 20.67 1.56 15.25
N HIS D 108 19.44 1.44 15.74
CA HIS D 108 18.91 0.16 16.29
C HIS D 108 18.79 -0.85 15.15
N ASN D 109 17.92 -0.57 14.19
CA ASN D 109 17.60 -1.47 13.05
C ASN D 109 18.88 -1.91 12.34
N TYR D 110 19.85 -1.01 12.15
CA TYR D 110 21.11 -1.37 11.42
C TYR D 110 21.75 -2.59 12.09
N GLY D 111 21.94 -2.54 13.41
CA GLY D 111 22.58 -3.61 14.18
C GLY D 111 21.76 -4.89 14.16
N ILE D 112 20.43 -4.75 14.05
CA ILE D 112 19.49 -5.91 14.01
C ILE D 112 19.52 -6.55 12.61
N LEU D 113 19.69 -5.78 11.54
CA LEU D 113 19.50 -6.29 10.16
C LEU D 113 20.83 -6.45 9.43
N GLU D 114 21.96 -6.07 10.03
CA GLU D 114 23.28 -6.04 9.36
C GLU D 114 23.71 -7.43 8.88
N SER D 115 23.43 -8.50 9.62
CA SER D 115 23.95 -9.86 9.28
C SER D 115 23.33 -10.39 7.98
N PHE D 116 22.32 -9.71 7.42
CA PHE D 116 21.55 -10.26 6.28
C PHE D 116 20.97 -9.15 5.37
N THR D 117 21.50 -7.94 5.46
CA THR D 117 21.14 -6.82 4.55
C THR D 117 22.45 -6.30 3.98
N VAL D 118 23.21 -5.61 4.81
CA VAL D 118 24.66 -5.38 4.54
C VAL D 118 25.27 -6.77 4.68
N GLN D 119 26.38 -7.09 4.02
CA GLN D 119 27.04 -8.41 4.24
C GLN D 119 26.20 -9.57 3.67
N ARG D 120 25.02 -9.29 3.09
CA ARG D 120 24.27 -10.34 2.37
C ARG D 120 25.09 -10.63 1.11
N SER D 121 25.49 -11.88 0.88
CA SER D 121 26.38 -12.21 -0.27
C SER D 121 25.91 -13.48 -0.96
N VAL D 122 25.33 -13.30 -2.14
CA VAL D 122 24.85 -14.39 -3.03
C VAL D 122 25.74 -14.39 -4.28
N GLU D 123 26.27 -15.55 -4.65
CA GLU D 123 27.23 -15.68 -5.77
C GLU D 123 26.54 -15.61 -7.12
N PRO D 124 27.16 -14.96 -8.11
CA PRO D 124 26.66 -15.01 -9.48
C PRO D 124 26.91 -16.37 -10.17
N LYS D 125 25.95 -16.75 -11.01
CA LYS D 125 26.05 -17.82 -12.03
C LYS D 125 26.35 -17.16 -13.38
N VAL D 126 27.22 -17.78 -14.16
CA VAL D 126 27.77 -17.21 -15.41
C VAL D 126 27.57 -18.23 -16.52
N ARG D 127 27.01 -17.80 -17.65
CA ARG D 127 26.73 -18.66 -18.81
C ARG D 127 27.13 -17.92 -20.08
N VAL D 128 28.07 -18.47 -20.85
CA VAL D 128 28.47 -17.88 -22.16
C VAL D 128 27.73 -18.64 -23.26
N SER D 129 27.06 -17.93 -24.15
CA SER D 129 26.31 -18.52 -25.29
C SER D 129 26.72 -17.76 -26.54
N ALA D 130 26.54 -18.37 -27.72
CA ALA D 130 26.81 -17.70 -29.00
C ALA D 130 25.47 -17.28 -29.58
N LEU D 131 25.44 -16.11 -30.23
CA LEU D 131 24.21 -15.58 -30.87
C LEU D 131 24.44 -15.49 -32.38
N GLN D 132 23.42 -15.90 -33.16
CA GLN D 132 23.48 -15.87 -34.63
C GLN D 132 23.26 -14.44 -35.11
N SER D 133 23.90 -14.03 -36.21
CA SER D 133 23.56 -12.76 -36.89
C SER D 133 22.13 -12.91 -37.42
N GLY D 134 21.41 -11.80 -37.54
CA GLY D 134 20.07 -11.84 -38.12
C GLY D 134 20.11 -11.72 -39.62
N SER D 135 21.29 -11.47 -40.20
CA SER D 135 21.44 -11.20 -41.66
C SER D 135 22.28 -12.29 -42.33
N LEU D 136 23.15 -12.94 -41.57
CA LEU D 136 24.15 -13.88 -42.14
C LEU D 136 24.06 -15.19 -41.37
N PRO D 137 24.36 -16.34 -42.02
CA PRO D 137 24.38 -17.62 -41.34
C PRO D 137 25.70 -17.80 -40.58
N GLU D 138 25.88 -17.04 -39.50
CA GLU D 138 27.13 -17.12 -38.69
C GLU D 138 26.82 -16.66 -37.27
N THR D 139 27.79 -16.82 -36.36
CA THR D 139 27.68 -16.30 -34.97
C THR D 139 28.25 -14.87 -34.95
N ASP D 140 27.36 -13.88 -34.82
CA ASP D 140 27.70 -12.45 -34.75
C ASP D 140 28.32 -12.08 -33.41
N ARG D 141 27.84 -12.68 -32.31
CA ARG D 141 28.21 -12.20 -30.95
C ARG D 141 28.27 -13.36 -29.95
N LEU D 142 29.01 -13.11 -28.86
CA LEU D 142 29.07 -14.02 -27.68
C LEU D 142 28.46 -13.28 -26.50
N ALA D 143 27.58 -13.94 -25.75
CA ALA D 143 26.83 -13.28 -24.66
C ALA D 143 27.25 -13.86 -23.32
N CYS D 144 27.56 -13.01 -22.35
CA CYS D 144 27.82 -13.42 -20.95
C CYS D 144 26.60 -13.06 -20.12
N TYR D 145 25.88 -14.06 -19.62
CA TYR D 145 24.68 -13.86 -18.79
C TYR D 145 25.05 -14.14 -17.33
N VAL D 146 25.00 -13.11 -16.47
CA VAL D 146 25.36 -13.21 -15.03
C VAL D 146 24.08 -13.01 -14.21
N THR D 147 23.74 -13.96 -13.32
CA THR D 147 22.40 -14.00 -12.67
C THR D 147 22.47 -14.39 -11.18
N GLY D 148 21.44 -13.98 -10.44
CA GLY D 148 21.25 -14.31 -9.01
C GLY D 148 22.31 -13.74 -8.07
N PHE D 149 22.81 -12.52 -8.31
CA PHE D 149 23.93 -12.00 -7.48
C PHE D 149 23.39 -10.92 -6.53
N TYR D 150 23.94 -10.89 -5.31
CA TYR D 150 23.85 -9.77 -4.33
C TYR D 150 25.18 -9.69 -3.60
N PRO D 151 25.84 -8.51 -3.44
CA PRO D 151 25.29 -7.19 -3.76
C PRO D 151 25.15 -6.89 -5.26
N PRO D 152 24.40 -5.83 -5.64
CA PRO D 152 24.19 -5.47 -7.04
C PRO D 152 25.46 -5.16 -7.84
N GLU D 153 26.43 -4.56 -7.19
CA GLU D 153 27.70 -4.13 -7.85
C GLU D 153 28.45 -5.36 -8.31
N ILE D 154 28.85 -5.38 -9.59
CA ILE D 154 29.59 -6.51 -10.22
C ILE D 154 30.46 -5.93 -11.33
N GLU D 155 31.56 -6.59 -11.67
CA GLU D 155 32.40 -6.20 -12.84
C GLU D 155 32.45 -7.40 -13.79
N VAL D 156 32.09 -7.18 -15.05
CA VAL D 156 32.12 -8.24 -16.10
C VAL D 156 32.95 -7.75 -17.30
N LYS D 157 34.04 -8.46 -17.59
CA LYS D 157 34.99 -8.06 -18.65
C LYS D 157 35.19 -9.24 -19.61
N TRP D 158 35.23 -8.94 -20.92
CA TRP D 158 35.35 -9.95 -22.00
C TRP D 158 36.82 -9.97 -22.46
N PHE D 159 37.45 -11.14 -22.41
CA PHE D 159 38.85 -11.28 -22.85
C PHE D 159 38.87 -12.15 -24.12
N LEU D 160 39.54 -11.69 -25.16
CA LEU D 160 39.91 -12.51 -26.34
C LEU D 160 41.39 -12.87 -26.21
N ASN D 161 41.72 -14.16 -26.07
CA ASN D 161 43.11 -14.58 -25.75
C ASN D 161 43.45 -13.96 -24.38
N GLY D 162 44.44 -13.06 -24.32
CA GLY D 162 44.73 -12.32 -23.08
C GLY D 162 44.33 -10.85 -23.19
N ARG D 163 43.69 -10.44 -24.27
CA ARG D 163 43.39 -9.01 -24.54
C ARG D 163 41.96 -8.71 -24.10
N GLU D 164 41.75 -7.63 -23.34
CA GLU D 164 40.43 -7.23 -22.84
C GLU D 164 39.73 -6.38 -23.90
N GLU D 165 38.61 -6.87 -24.45
CA GLU D 165 37.84 -6.14 -25.48
C GLU D 165 37.17 -4.94 -24.81
N THR D 166 37.06 -3.82 -25.52
CA THR D 166 36.39 -2.60 -24.99
C THR D 166 35.40 -2.06 -26.03
N GLU D 167 35.86 -1.76 -27.24
CA GLU D 167 35.04 -1.08 -28.28
C GLU D 167 33.83 -1.93 -28.66
N ARG D 168 33.98 -3.26 -28.72
CA ARG D 168 32.93 -4.16 -29.25
C ARG D 168 32.13 -4.79 -28.11
N VAL D 169 32.33 -4.35 -26.87
CA VAL D 169 31.52 -4.84 -25.71
C VAL D 169 30.34 -3.87 -25.52
N VAL D 170 29.11 -4.38 -25.49
CA VAL D 170 27.88 -3.59 -25.16
C VAL D 170 27.24 -4.28 -23.95
N SER D 171 26.96 -3.53 -22.90
CA SER D 171 26.40 -4.12 -21.66
C SER D 171 25.01 -3.54 -21.39
N THR D 172 24.14 -4.31 -20.75
CA THR D 172 22.83 -3.82 -20.29
C THR D 172 23.09 -3.09 -18.96
N ASP D 173 22.06 -2.46 -18.40
CA ASP D 173 22.15 -2.02 -16.98
C ASP D 173 22.11 -3.30 -16.15
N VAL D 174 22.71 -3.31 -14.95
CA VAL D 174 22.42 -4.37 -13.93
C VAL D 174 20.94 -4.23 -13.61
N MET D 175 20.17 -5.33 -13.70
CA MET D 175 18.69 -5.27 -13.58
C MET D 175 18.28 -5.85 -12.23
N GLN D 176 17.38 -5.17 -11.54
CA GLN D 176 16.76 -5.69 -10.29
C GLN D 176 15.78 -6.79 -10.69
N ASN D 177 15.93 -7.99 -10.13
CA ASN D 177 14.90 -9.05 -10.20
C ASN D 177 13.82 -8.79 -9.16
N GLY D 178 14.12 -8.03 -8.09
CA GLY D 178 13.14 -7.64 -7.05
C GLY D 178 13.00 -8.70 -5.96
N ASP D 179 13.82 -9.74 -6.00
CA ASP D 179 13.80 -10.89 -5.05
C ASP D 179 15.08 -10.86 -4.22
N TRP D 180 15.74 -9.71 -4.15
CA TRP D 180 17.08 -9.55 -3.52
C TRP D 180 18.15 -10.28 -4.34
N THR D 181 17.98 -10.33 -5.66
CA THR D 181 19.01 -10.83 -6.61
C THR D 181 19.08 -9.83 -7.76
N TYR D 182 20.18 -9.83 -8.51
CA TYR D 182 20.37 -8.91 -9.67
C TYR D 182 20.94 -9.71 -10.85
N GLN D 183 20.78 -9.18 -12.06
CA GLN D 183 21.31 -9.84 -13.29
C GLN D 183 21.88 -8.80 -14.27
N VAL D 184 22.85 -9.19 -15.08
CA VAL D 184 23.41 -8.31 -16.15
C VAL D 184 23.74 -9.16 -17.38
N LEU D 185 23.61 -8.61 -18.59
CA LEU D 185 24.00 -9.28 -19.83
C LEU D 185 25.07 -8.46 -20.57
N VAL D 186 26.25 -9.04 -20.78
CA VAL D 186 27.39 -8.33 -21.45
C VAL D 186 27.73 -9.06 -22.74
N VAL D 187 27.61 -8.38 -23.88
CA VAL D 187 27.70 -9.02 -25.22
C VAL D 187 28.96 -8.51 -25.91
N LEU D 188 29.77 -9.43 -26.44
CA LEU D 188 30.98 -9.11 -27.24
C LEU D 188 30.62 -9.28 -28.72
N GLU D 189 30.64 -8.20 -29.49
CA GLU D 189 30.38 -8.26 -30.95
C GLU D 189 31.67 -8.74 -31.63
N THR D 190 31.84 -10.05 -31.75
CA THR D 190 32.98 -10.66 -32.47
C THR D 190 32.47 -11.86 -33.27
N VAL D 191 33.04 -12.12 -34.43
CA VAL D 191 32.77 -13.39 -35.18
C VAL D 191 33.85 -14.38 -34.77
N PRO D 192 33.52 -15.40 -33.96
CA PRO D 192 34.53 -16.27 -33.39
C PRO D 192 35.31 -17.00 -34.50
N ARG D 193 36.64 -16.94 -34.43
CA ARG D 193 37.57 -17.63 -35.35
C ARG D 193 38.27 -18.73 -34.57
N ARG D 194 38.31 -19.96 -35.08
CA ARG D 194 38.97 -21.09 -34.38
C ARG D 194 40.43 -20.72 -34.14
N GLY D 195 40.97 -21.07 -32.96
CA GLY D 195 42.34 -20.69 -32.57
C GLY D 195 42.35 -19.40 -31.76
N ASP D 196 41.18 -18.80 -31.54
CA ASP D 196 40.99 -17.62 -30.67
C ASP D 196 40.26 -18.13 -29.43
N SER D 197 40.72 -17.78 -28.24
CA SER D 197 40.08 -18.25 -26.97
C SER D 197 39.34 -17.08 -26.31
N TYR D 198 38.08 -17.31 -25.93
CA TYR D 198 37.19 -16.26 -25.35
C TYR D 198 36.89 -16.65 -23.90
N VAL D 199 37.11 -15.72 -22.97
CA VAL D 199 36.80 -15.93 -21.53
C VAL D 199 35.96 -14.76 -21.02
N CYS D 200 34.81 -15.03 -20.40
CA CYS D 200 34.02 -13.99 -19.69
C CYS D 200 34.41 -13.99 -18.21
N ARG D 201 35.10 -12.93 -17.76
CA ARG D 201 35.55 -12.80 -16.34
C ARG D 201 34.59 -11.92 -15.55
N VAL D 202 34.20 -12.42 -14.38
CA VAL D 202 33.24 -11.78 -13.45
C VAL D 202 33.89 -11.64 -12.07
N GLU D 203 33.93 -10.40 -11.56
CA GLU D 203 34.43 -10.02 -10.22
C GLU D 203 33.29 -9.49 -9.37
N HIS D 204 33.18 -9.98 -8.13
CA HIS D 204 32.06 -9.70 -7.20
C HIS D 204 32.48 -9.95 -5.77
N ALA D 205 32.05 -9.07 -4.86
CA ALA D 205 32.33 -9.13 -3.40
C ALA D 205 32.10 -10.52 -2.82
N SER D 206 31.24 -11.34 -3.43
CA SER D 206 30.89 -12.69 -2.91
C SER D 206 31.93 -13.72 -3.33
N LEU D 207 32.76 -13.40 -4.33
CA LEU D 207 33.71 -14.36 -4.94
C LEU D 207 35.09 -14.16 -4.30
N ARG D 208 35.56 -15.17 -3.56
CA ARG D 208 36.95 -15.17 -3.04
C ARG D 208 37.89 -15.15 -4.23
N GLN D 209 37.59 -15.94 -5.27
CA GLN D 209 38.38 -16.02 -6.52
C GLN D 209 37.50 -15.56 -7.68
N PRO D 210 37.99 -14.66 -8.56
CA PRO D 210 37.20 -14.18 -9.71
C PRO D 210 36.79 -15.36 -10.60
N ILE D 211 35.59 -15.29 -11.19
CA ILE D 211 35.08 -16.40 -12.06
C ILE D 211 35.54 -16.13 -13.49
N SER D 212 36.27 -17.08 -14.08
CA SER D 212 36.69 -17.01 -15.50
C SER D 212 35.94 -18.11 -16.26
N GLN D 213 34.95 -17.71 -17.05
CA GLN D 213 34.10 -18.67 -17.81
C GLN D 213 34.57 -18.66 -19.24
N ALA D 214 34.93 -19.82 -19.77
CA ALA D 214 35.50 -19.90 -21.13
C ALA D 214 34.39 -20.31 -22.09
N TRP D 215 34.47 -19.82 -23.33
CA TRP D 215 33.65 -20.31 -24.45
C TRP D 215 34.61 -20.79 -25.52
N GLU D 216 34.33 -21.94 -26.11
CA GLU D 216 35.05 -22.43 -27.32
C GLU D 216 33.98 -22.90 -28.31
N PRO D 217 34.25 -22.79 -29.64
CA PRO D 217 33.27 -23.23 -30.63
C PRO D 217 32.89 -24.69 -30.42
N PRO D 218 31.59 -25.05 -30.38
CA PRO D 218 31.19 -26.43 -30.09
C PRO D 218 31.12 -27.28 -31.37
N ARG E 2 -9.44 19.26 -29.76
CA ARG E 2 -8.03 19.50 -30.19
C ARG E 2 -7.34 20.40 -29.18
N ARG E 3 -6.36 19.86 -28.44
CA ARG E 3 -5.45 20.67 -27.60
C ARG E 3 -4.10 20.69 -28.29
N HIS E 4 -3.34 21.76 -28.16
CA HIS E 4 -1.99 21.91 -28.76
C HIS E 4 -1.18 22.78 -27.81
N VAL E 5 0.15 22.75 -27.91
CA VAL E 5 1.02 23.61 -27.07
C VAL E 5 2.12 24.19 -27.94
N LEU E 6 2.34 25.49 -27.81
CA LEU E 6 3.53 26.17 -28.35
C LEU E 6 4.41 26.54 -27.16
N LEU E 7 5.67 26.12 -27.21
CA LEU E 7 6.66 26.36 -26.12
C LEU E 7 7.80 27.19 -26.68
N GLN E 8 8.17 28.23 -25.96
CA GLN E 8 9.47 28.91 -26.03
C GLN E 8 10.26 28.36 -24.85
N ALA E 9 11.28 27.56 -25.13
CA ALA E 9 12.07 26.89 -24.08
C ALA E 9 13.50 27.34 -24.20
N GLU E 10 14.06 27.85 -23.10
CA GLU E 10 15.44 28.38 -23.07
C GLU E 10 16.13 27.77 -21.86
N PHE E 11 17.44 27.62 -21.93
CA PHE E 11 18.24 27.14 -20.79
C PHE E 11 19.59 27.85 -20.86
N TYR E 12 20.15 28.11 -19.68
CA TYR E 12 21.45 28.78 -19.51
C TYR E 12 22.11 28.03 -18.36
N GLN E 13 23.24 27.39 -18.62
CA GLN E 13 23.83 26.46 -17.63
C GLN E 13 25.34 26.52 -17.77
N ARG E 14 26.01 26.33 -16.65
CA ARG E 14 27.49 26.36 -16.60
C ARG E 14 27.93 25.35 -15.56
N SER E 15 29.16 24.87 -15.72
CA SER E 15 29.72 23.82 -14.85
C SER E 15 31.09 24.32 -14.42
N GLU E 16 31.41 24.18 -13.13
CA GLU E 16 32.77 24.44 -12.62
C GLU E 16 33.52 23.11 -12.73
N GLY E 17 34.66 22.95 -12.07
CA GLY E 17 35.52 21.79 -12.37
C GLY E 17 36.13 22.08 -13.72
N PRO E 18 35.98 21.22 -14.74
CA PRO E 18 36.26 21.67 -16.10
C PRO E 18 35.26 22.83 -16.26
N ASP E 19 35.72 24.06 -16.49
CA ASP E 19 34.78 25.21 -16.63
C ASP E 19 34.12 25.13 -18.02
N LYS E 20 32.80 25.20 -18.07
CA LYS E 20 32.04 25.03 -19.33
C LYS E 20 30.66 25.72 -19.20
N ALA E 21 30.07 26.16 -20.32
CA ALA E 21 28.74 26.82 -20.36
C ALA E 21 28.00 26.51 -21.65
N TRP E 22 26.68 26.56 -21.58
CA TRP E 22 25.82 26.18 -22.71
C TRP E 22 24.58 27.04 -22.60
N ALA E 23 23.96 27.35 -23.72
CA ALA E 23 22.67 28.08 -23.71
C ALA E 23 21.83 27.52 -24.86
N GLN E 24 20.53 27.62 -24.73
CA GLN E 24 19.64 27.17 -25.81
C GLN E 24 18.38 28.03 -25.84
N PHE E 25 17.88 28.24 -27.05
CA PHE E 25 16.63 28.97 -27.31
C PHE E 25 15.89 28.28 -28.45
N GLY E 26 14.68 27.77 -28.20
CA GLY E 26 13.95 27.00 -29.22
C GLY E 26 12.47 27.13 -29.06
N PHE E 27 11.76 26.86 -30.16
CA PHE E 27 10.28 26.84 -30.22
C PHE E 27 9.85 25.43 -30.60
N HIS E 28 8.77 24.98 -29.97
CA HIS E 28 8.33 23.57 -29.95
C HIS E 28 6.79 23.56 -30.05
N PHE E 29 6.26 22.72 -30.92
CA PHE E 29 4.80 22.50 -31.07
C PHE E 29 4.54 21.07 -30.62
N ASP E 30 3.87 20.91 -29.48
CA ASP E 30 3.73 19.59 -28.83
C ASP E 30 5.17 19.07 -28.66
N ALA E 31 5.43 17.81 -29.00
CA ALA E 31 6.75 17.16 -28.79
C ALA E 31 7.76 17.59 -29.85
N ASP E 32 7.39 18.32 -30.91
CA ASP E 32 8.33 18.53 -32.03
C ASP E 32 8.95 19.92 -31.98
N GLU E 33 10.14 20.06 -32.56
CA GLU E 33 10.91 21.32 -32.59
C GLU E 33 10.51 22.10 -33.83
N LEU E 34 10.13 23.37 -33.67
CA LEU E 34 9.87 24.29 -34.79
C LEU E 34 11.20 24.86 -35.27
N PHE E 35 11.98 25.41 -34.35
CA PHE E 35 13.30 26.02 -34.65
C PHE E 35 14.07 26.28 -33.36
N HIS E 36 15.36 26.52 -33.51
CA HIS E 36 16.23 27.02 -32.43
C HIS E 36 17.07 28.11 -33.06
N VAL E 37 17.58 29.05 -32.26
CA VAL E 37 18.57 30.05 -32.74
C VAL E 37 19.95 29.46 -32.46
N GLU E 38 20.79 29.33 -33.50
CA GLU E 38 22.24 29.07 -33.33
C GLU E 38 22.77 30.39 -32.74
N LEU E 39 23.00 30.42 -31.42
CA LEU E 39 23.24 31.67 -30.66
C LEU E 39 24.62 32.23 -30.97
N ASP E 40 25.59 31.41 -31.37
CA ASP E 40 26.92 31.94 -31.73
C ASP E 40 26.82 32.72 -33.04
N ALA E 41 26.06 32.22 -34.01
CA ALA E 41 25.96 32.77 -35.37
C ALA E 41 24.77 33.75 -35.45
N ALA E 42 23.90 33.70 -34.44
CA ALA E 42 22.61 34.43 -34.36
C ALA E 42 21.75 34.12 -35.59
N GLN E 43 21.68 32.85 -36.01
CA GLN E 43 20.87 32.44 -37.18
C GLN E 43 19.71 31.62 -36.64
N THR E 44 18.51 31.84 -37.17
CA THR E 44 17.34 30.98 -36.90
C THR E 44 17.50 29.70 -37.71
N VAL E 45 17.28 28.53 -37.10
CA VAL E 45 17.35 27.22 -37.83
C VAL E 45 16.06 26.45 -37.58
N TRP E 46 15.27 26.27 -38.64
CA TRP E 46 13.99 25.52 -38.62
C TRP E 46 14.28 24.03 -38.72
N ARG E 47 13.55 23.22 -37.95
CA ARG E 47 13.81 21.78 -37.90
C ARG E 47 13.62 21.22 -39.30
N LEU E 48 12.62 21.69 -40.04
CA LEU E 48 12.48 21.34 -41.48
C LEU E 48 12.66 22.60 -42.30
N PRO E 49 13.54 22.59 -43.33
CA PRO E 49 13.78 23.77 -44.16
C PRO E 49 12.49 24.48 -44.57
N GLU E 50 11.51 23.71 -45.06
CA GLU E 50 10.20 24.20 -45.57
C GLU E 50 9.60 25.24 -44.63
N PHE E 51 9.75 25.06 -43.31
CA PHE E 51 9.11 25.95 -42.32
C PHE E 51 9.58 27.39 -42.56
N GLY E 52 10.84 27.52 -42.98
CA GLY E 52 11.48 28.79 -43.34
C GLY E 52 10.74 29.55 -44.43
N ARG E 53 10.18 28.84 -45.42
CA ARG E 53 9.45 29.40 -46.59
C ARG E 53 8.13 30.04 -46.11
N PHE E 54 7.59 29.62 -44.96
CA PHE E 54 6.23 29.98 -44.48
C PHE E 54 6.27 30.97 -43.32
N ALA E 55 7.41 31.10 -42.66
CA ALA E 55 7.54 31.99 -41.48
C ALA E 55 9.00 32.22 -41.15
N SER E 56 9.21 33.26 -40.35
CA SER E 56 10.54 33.83 -40.00
C SER E 56 10.56 34.16 -38.51
N PHE E 57 11.78 34.28 -37.95
CA PHE E 57 12.02 34.75 -36.58
C PHE E 57 13.33 35.53 -36.60
N GLU E 58 13.30 36.75 -36.06
CA GLU E 58 14.50 37.57 -35.82
C GLU E 58 15.18 37.01 -34.57
N ALA E 59 16.35 36.41 -34.82
CA ALA E 59 17.27 35.78 -33.85
C ALA E 59 17.84 36.77 -32.83
N GLN E 60 17.90 38.07 -33.13
CA GLN E 60 18.29 39.11 -32.13
C GLN E 60 17.41 39.00 -30.89
N GLY E 61 16.14 38.66 -31.07
CA GLY E 61 15.17 38.58 -29.97
C GLY E 61 15.66 37.60 -28.92
N ALA E 62 16.41 36.60 -29.38
CA ALA E 62 16.94 35.50 -28.54
C ALA E 62 18.23 35.95 -27.87
N LEU E 63 18.97 36.88 -28.48
CA LEU E 63 20.20 37.37 -27.84
C LEU E 63 19.81 38.22 -26.63
N GLN E 64 18.66 38.90 -26.68
CA GLN E 64 18.10 39.69 -25.55
C GLN E 64 17.83 38.72 -24.41
N ASN E 65 17.11 37.66 -24.72
CA ASN E 65 16.80 36.57 -23.76
C ASN E 65 18.11 35.96 -23.21
N MET E 66 19.10 35.76 -24.07
CA MET E 66 20.37 35.13 -23.63
C MET E 66 21.05 36.04 -22.62
N ALA E 67 21.00 37.36 -22.85
CA ALA E 67 21.72 38.38 -22.04
C ALA E 67 21.16 38.34 -20.62
N VAL E 68 19.83 38.34 -20.56
CA VAL E 68 19.01 38.27 -19.33
C VAL E 68 19.17 36.88 -18.68
N GLY E 69 18.98 35.81 -19.46
CA GLY E 69 19.10 34.42 -18.97
C GLY E 69 20.44 34.18 -18.31
N LYS E 70 21.54 34.59 -18.95
CA LYS E 70 22.90 34.32 -18.41
C LYS E 70 23.03 34.99 -17.04
N GLN E 71 22.33 36.09 -16.81
CA GLN E 71 22.50 36.87 -15.56
C GLN E 71 21.60 36.26 -14.49
N ASN E 72 20.34 36.01 -14.83
CA ASN E 72 19.37 35.30 -13.95
C ASN E 72 19.96 34.00 -13.39
N LEU E 73 20.82 33.32 -14.16
CA LEU E 73 21.55 32.13 -13.68
C LEU E 73 22.45 32.49 -12.51
N GLU E 74 23.24 33.54 -12.61
CA GLU E 74 24.19 33.92 -11.53
C GLU E 74 23.38 34.36 -10.31
N VAL E 75 22.22 34.98 -10.54
CA VAL E 75 21.33 35.47 -9.45
C VAL E 75 20.82 34.26 -8.65
N MET E 76 20.21 33.29 -9.33
CA MET E 76 19.64 32.10 -8.67
C MET E 76 20.76 31.23 -8.08
N ILE E 77 21.98 31.23 -8.65
CA ILE E 77 23.12 30.47 -8.05
C ILE E 77 23.46 31.06 -6.69
N SER E 78 23.44 32.39 -6.60
CA SER E 78 23.80 33.14 -5.37
C SER E 78 22.67 32.96 -4.34
N ASN E 79 21.44 33.24 -4.75
CA ASN E 79 20.19 33.10 -3.94
C ASN E 79 20.00 31.69 -3.36
N SER E 80 20.36 30.65 -4.09
CA SER E 80 20.14 29.23 -3.70
C SER E 80 21.32 28.71 -2.88
N ASN E 81 22.35 29.54 -2.69
CA ASN E 81 23.60 29.18 -1.97
C ASN E 81 24.32 28.04 -2.71
N ARG E 82 24.47 28.17 -4.02
CA ARG E 82 25.22 27.22 -4.89
C ARG E 82 24.68 25.79 -4.70
N SER E 83 23.35 25.66 -4.61
CA SER E 83 22.68 24.35 -4.43
C SER E 83 22.57 23.62 -5.78
N GLN E 84 22.63 22.30 -5.69
CA GLN E 84 22.89 21.38 -6.82
C GLN E 84 21.93 20.21 -6.78
N GLN E 85 21.56 19.70 -7.96
CA GLN E 85 20.70 18.51 -8.15
C GLN E 85 21.53 17.35 -8.66
N ASP E 86 21.04 16.15 -8.41
CA ASP E 86 21.58 14.91 -9.01
C ASP E 86 21.24 14.89 -10.50
N PHE E 87 22.27 14.54 -11.27
CA PHE E 87 22.25 14.12 -12.69
C PHE E 87 21.30 12.92 -12.83
N VAL E 88 20.63 12.79 -13.97
CA VAL E 88 19.71 11.65 -14.28
C VAL E 88 20.22 11.02 -15.56
N THR E 89 20.84 9.85 -15.44
CA THR E 89 21.33 9.01 -16.57
C THR E 89 20.22 8.85 -17.61
N PRO E 90 20.56 9.08 -18.89
CA PRO E 90 19.59 8.94 -19.97
C PRO E 90 19.31 7.47 -20.25
N GLU E 91 18.05 7.20 -20.57
CA GLU E 91 17.62 6.00 -21.31
C GLU E 91 18.08 6.19 -22.74
N LEU E 92 18.07 5.11 -23.51
CA LEU E 92 18.56 5.10 -24.91
C LEU E 92 17.65 4.23 -25.76
N ALA E 93 17.17 4.78 -26.85
CA ALA E 93 16.40 4.08 -27.88
C ALA E 93 17.22 4.13 -29.17
N LEU E 94 17.26 3.03 -29.92
CA LEU E 94 17.99 2.89 -31.20
C LEU E 94 17.07 2.09 -32.11
N PHE E 95 16.64 2.66 -33.22
CA PHE E 95 15.67 2.00 -34.12
C PHE E 95 15.75 2.70 -35.47
N PRO E 96 15.47 1.97 -36.57
CA PRO E 96 15.44 2.54 -37.92
C PRO E 96 14.15 3.35 -38.16
N ALA E 97 14.18 4.26 -39.11
CA ALA E 97 13.01 5.12 -39.43
C ALA E 97 11.96 4.33 -40.21
N GLU E 98 12.41 3.54 -41.20
CA GLU E 98 11.56 2.76 -42.14
C GLU E 98 11.83 1.28 -41.86
N ALA E 99 10.91 0.36 -42.20
CA ALA E 99 11.19 -1.08 -42.12
C ALA E 99 12.40 -1.36 -43.02
N VAL E 100 13.22 -2.34 -42.66
CA VAL E 100 14.55 -2.54 -43.28
C VAL E 100 14.43 -3.44 -44.52
N SER E 101 15.07 -2.99 -45.60
CA SER E 101 15.30 -3.72 -46.87
C SER E 101 16.78 -3.57 -47.24
N LEU E 102 17.43 -4.67 -47.55
CA LEU E 102 18.84 -4.66 -48.00
C LEU E 102 19.00 -3.80 -49.25
N GLU E 103 20.13 -3.10 -49.34
CA GLU E 103 20.59 -2.24 -50.46
C GLU E 103 19.67 -1.01 -50.59
N GLU E 104 18.80 -0.72 -49.61
CA GLU E 104 17.80 0.39 -49.67
C GLU E 104 18.05 1.43 -48.58
N PRO E 105 18.33 2.71 -48.93
CA PRO E 105 18.71 3.72 -47.93
C PRO E 105 17.66 3.87 -46.81
N ASN E 106 18.16 4.12 -45.61
CA ASN E 106 17.36 4.22 -44.37
C ASN E 106 18.13 5.12 -43.43
N VAL E 107 17.59 5.33 -42.24
CA VAL E 107 18.21 6.15 -41.16
C VAL E 107 18.06 5.41 -39.84
N LEU E 108 19.15 5.24 -39.12
CA LEU E 108 19.10 4.85 -37.69
C LEU E 108 18.86 6.10 -36.86
N ILE E 109 17.84 6.01 -36.02
CA ILE E 109 17.48 7.05 -35.04
C ILE E 109 17.92 6.57 -33.66
N CYS E 110 18.68 7.39 -32.97
CA CYS E 110 19.08 7.14 -31.58
C CYS E 110 18.61 8.32 -30.76
N TYR E 111 17.81 8.09 -29.73
CA TYR E 111 17.40 9.20 -28.84
C TYR E 111 17.75 8.86 -27.41
N ALA E 112 18.38 9.81 -26.72
CA ALA E 112 18.61 9.75 -25.27
C ALA E 112 17.38 10.35 -24.61
N ASP E 113 16.84 9.75 -23.54
CA ASP E 113 15.56 10.26 -22.97
C ASP E 113 15.61 10.29 -21.44
N LYS E 114 14.76 11.17 -20.87
CA LYS E 114 14.55 11.31 -19.41
C LYS E 114 15.88 11.63 -18.72
N PHE E 115 16.67 12.54 -19.30
CA PHE E 115 18.00 12.89 -18.72
C PHE E 115 17.99 14.36 -18.28
N TRP E 116 18.87 14.65 -17.32
CA TRP E 116 19.21 16.01 -16.85
C TRP E 116 20.60 15.88 -16.23
N PRO E 117 21.55 16.83 -16.40
CA PRO E 117 21.36 18.10 -17.09
C PRO E 117 21.36 17.92 -18.61
N PRO E 118 20.92 18.92 -19.40
CA PRO E 118 20.87 18.78 -20.86
C PRO E 118 22.26 18.84 -21.49
N VAL E 119 23.13 17.89 -21.16
CA VAL E 119 24.47 17.72 -21.80
C VAL E 119 24.64 16.25 -22.17
N ALA E 120 24.62 15.92 -23.46
CA ALA E 120 24.81 14.51 -23.90
C ALA E 120 25.35 14.45 -25.34
N THR E 121 26.36 13.59 -25.54
CA THR E 121 27.01 13.40 -26.85
C THR E 121 26.77 11.96 -27.30
N MET E 122 26.36 11.79 -28.54
CA MET E 122 26.10 10.47 -29.16
C MET E 122 27.29 10.10 -30.05
N GLU E 123 27.75 8.85 -29.94
CA GLU E 123 28.82 8.29 -30.81
C GLU E 123 28.23 7.15 -31.63
N TRP E 124 28.37 7.24 -32.96
CA TRP E 124 27.89 6.17 -33.88
C TRP E 124 29.07 5.28 -34.25
N ARG E 125 28.93 3.97 -34.14
CA ARG E 125 29.99 3.05 -34.65
C ARG E 125 29.34 2.05 -35.62
N ARG E 126 30.00 1.79 -36.74
CA ARG E 126 29.64 0.67 -37.66
C ARG E 126 30.77 -0.35 -37.66
N ASN E 127 30.47 -1.59 -37.30
CA ASN E 127 31.48 -2.69 -37.27
C ASN E 127 32.69 -2.20 -36.45
N GLY E 128 32.44 -1.52 -35.33
CA GLY E 128 33.50 -1.13 -34.37
C GLY E 128 34.22 0.13 -34.80
N ALA E 129 33.79 0.78 -35.88
CA ALA E 129 34.46 2.00 -36.39
C ALA E 129 33.53 3.20 -36.23
N VAL E 130 34.05 4.30 -35.68
CA VAL E 130 33.25 5.54 -35.51
C VAL E 130 32.89 6.06 -36.90
N VAL E 131 31.61 6.38 -37.09
CA VAL E 131 31.08 6.94 -38.37
C VAL E 131 30.44 8.28 -38.01
N SER E 132 30.68 9.31 -38.81
CA SER E 132 30.16 10.67 -38.57
C SER E 132 29.46 11.22 -39.81
N GLU E 133 29.41 10.47 -40.91
CA GLU E 133 28.95 10.99 -42.21
C GLU E 133 27.43 11.07 -42.24
N GLY E 134 26.89 12.28 -42.47
CA GLY E 134 25.45 12.49 -42.64
C GLY E 134 24.77 12.57 -41.29
N VAL E 135 25.54 12.49 -40.20
CA VAL E 135 24.91 12.47 -38.85
C VAL E 135 24.31 13.86 -38.65
N TYR E 136 23.07 13.90 -38.17
CA TYR E 136 22.40 15.11 -37.66
C TYR E 136 22.18 14.90 -36.17
N ASP E 137 22.65 15.83 -35.33
CA ASP E 137 22.39 15.79 -33.87
C ASP E 137 21.39 16.90 -33.55
N SER E 138 20.33 16.59 -32.81
CA SER E 138 19.26 17.55 -32.47
C SER E 138 19.72 18.41 -31.28
N VAL E 139 19.05 19.52 -31.07
CA VAL E 139 19.16 20.28 -29.79
C VAL E 139 18.39 19.52 -28.70
N TYR E 140 18.52 19.95 -27.44
CA TYR E 140 17.86 19.24 -26.32
C TYR E 140 16.39 19.62 -26.25
N TYR E 141 15.50 18.62 -26.36
CA TYR E 141 14.03 18.82 -26.35
C TYR E 141 13.51 18.57 -24.94
N GLY E 142 12.70 19.49 -24.44
CA GLY E 142 12.09 19.41 -23.10
C GLY E 142 11.11 18.28 -23.02
N ARG E 143 11.16 17.53 -21.92
CA ARG E 143 10.34 16.32 -21.70
C ARG E 143 9.64 16.48 -20.36
N PRO E 144 8.61 15.68 -20.06
CA PRO E 144 7.93 15.82 -18.76
C PRO E 144 8.89 15.67 -17.56
N ASP E 145 8.57 16.37 -16.46
CA ASP E 145 9.35 16.38 -15.18
C ASP E 145 10.66 17.16 -15.36
N LEU E 146 10.68 18.11 -16.30
CA LEU E 146 11.83 19.01 -16.58
C LEU E 146 13.06 18.17 -16.97
N LEU E 147 12.84 17.11 -17.74
CA LEU E 147 13.93 16.26 -18.25
C LEU E 147 14.16 16.58 -19.73
N PHE E 148 15.14 15.95 -20.37
CA PHE E 148 15.45 16.29 -21.78
C PHE E 148 15.49 15.01 -22.65
N ARG E 149 15.25 15.21 -23.95
CA ARG E 149 15.44 14.20 -25.01
C ARG E 149 16.36 14.81 -26.08
N LYS E 150 17.32 14.04 -26.59
CA LYS E 150 18.18 14.48 -27.73
C LYS E 150 18.16 13.38 -28.78
N PHE E 151 18.09 13.76 -30.07
CA PHE E 151 18.01 12.79 -31.18
C PHE E 151 19.31 12.82 -31.97
N SER E 152 19.75 11.67 -32.48
CA SER E 152 20.88 11.59 -33.43
C SER E 152 20.44 10.71 -34.59
N TYR E 153 20.83 11.04 -35.80
CA TYR E 153 20.39 10.31 -37.02
C TYR E 153 21.61 9.87 -37.81
N LEU E 154 21.75 8.57 -38.11
CA LEU E 154 22.83 8.08 -38.99
C LEU E 154 22.22 7.52 -40.26
N PRO E 155 22.37 8.22 -41.41
CA PRO E 155 21.94 7.69 -42.70
C PRO E 155 22.80 6.45 -42.97
N PHE E 156 22.17 5.38 -43.45
CA PHE E 156 22.89 4.11 -43.71
C PHE E 156 22.23 3.36 -44.85
N VAL E 157 22.97 2.42 -45.43
CA VAL E 157 22.42 1.46 -46.42
C VAL E 157 22.48 0.08 -45.77
N PRO E 158 21.30 -0.50 -45.43
CA PRO E 158 21.28 -1.81 -44.80
C PRO E 158 22.03 -2.88 -45.63
N GLN E 159 23.00 -3.53 -45.02
CA GLN E 159 23.84 -4.58 -45.66
C GLN E 159 23.96 -5.76 -44.69
N ARG E 160 24.07 -6.97 -45.21
CA ARG E 160 24.15 -8.18 -44.36
C ARG E 160 25.50 -8.18 -43.66
N GLY E 161 25.52 -8.55 -42.38
CA GLY E 161 26.77 -8.65 -41.58
C GLY E 161 27.20 -7.33 -40.96
N ASP E 162 26.41 -6.27 -41.14
CA ASP E 162 26.77 -4.93 -40.61
C ASP E 162 26.17 -4.81 -39.20
N VAL E 163 26.98 -4.36 -38.23
CA VAL E 163 26.56 -4.14 -36.82
C VAL E 163 26.76 -2.66 -36.50
N TYR E 164 25.71 -2.02 -35.97
CA TYR E 164 25.74 -0.56 -35.63
C TYR E 164 25.62 -0.41 -34.13
N SER E 165 26.27 0.62 -33.57
CA SER E 165 26.12 0.99 -32.13
C SER E 165 25.84 2.49 -32.01
N CYS E 166 25.03 2.85 -31.02
CA CYS E 166 24.86 4.25 -30.57
C CYS E 166 25.27 4.32 -29.10
N ALA E 167 26.23 5.17 -28.78
CA ALA E 167 26.74 5.34 -27.39
C ALA E 167 26.51 6.77 -26.92
N VAL E 168 25.92 6.93 -25.75
CA VAL E 168 25.76 8.28 -25.17
C VAL E 168 26.81 8.43 -24.07
N ARG E 169 27.67 9.42 -24.20
CA ARG E 169 28.55 9.86 -23.08
C ARG E 169 27.77 10.95 -22.32
N HIS E 170 27.28 10.62 -21.11
CA HIS E 170 26.59 11.59 -20.21
C HIS E 170 27.66 12.41 -19.47
N TRP E 171 27.27 13.59 -18.96
CA TRP E 171 28.16 14.50 -18.19
C TRP E 171 28.69 13.81 -16.92
N GLY E 172 27.87 12.98 -16.26
CA GLY E 172 28.25 12.30 -15.00
C GLY E 172 29.38 11.30 -15.17
N ALA E 173 29.35 10.48 -16.23
CA ALA E 173 30.35 9.41 -16.48
C ALA E 173 30.85 9.48 -17.93
N PRO E 176 29.20 5.15 -22.47
CA PRO E 176 28.80 4.41 -21.29
C PRO E 176 27.37 3.86 -21.38
N VAL E 177 26.40 4.65 -21.86
CA VAL E 177 25.03 4.11 -22.16
C VAL E 177 25.05 3.75 -23.64
N GLN E 178 24.94 2.46 -23.97
CA GLN E 178 25.20 1.95 -25.33
C GLN E 178 24.07 1.01 -25.75
N ARG E 179 23.69 1.07 -27.02
CA ARG E 179 22.73 0.11 -27.60
C ARG E 179 23.30 -0.32 -28.95
N MET E 180 22.95 -1.52 -29.41
CA MET E 180 23.45 -2.04 -30.70
C MET E 180 22.25 -2.42 -31.56
N TRP E 181 22.38 -2.30 -32.87
CA TRP E 181 21.31 -2.71 -33.81
C TRP E 181 21.95 -3.49 -34.96
N GLU E 182 21.32 -4.58 -35.36
CA GLU E 182 21.73 -5.44 -36.51
C GLU E 182 20.56 -5.51 -37.48
N PRO E 183 20.80 -5.55 -38.80
CA PRO E 183 19.73 -5.83 -39.74
C PRO E 183 19.22 -7.22 -39.37
N GLU E 184 17.90 -7.40 -39.33
CA GLU E 184 17.28 -8.73 -39.15
C GLU E 184 16.59 -9.12 -40.46
N VAL E 185 17.09 -10.15 -41.16
CA VAL E 185 16.54 -10.59 -42.46
C VAL E 185 16.54 -12.11 -42.53
N PRO E 186 15.37 -12.78 -42.69
CA PRO E 186 15.31 -14.25 -42.67
C PRO E 186 16.19 -15.00 -43.70
N GLU E 187 16.61 -16.22 -43.32
CA GLU E 187 17.46 -17.17 -44.09
C GLU E 187 16.57 -18.04 -44.99
N ARG F 2 7.94 37.18 -48.51
CA ARG F 2 8.05 37.84 -47.17
C ARG F 2 7.31 37.00 -46.14
N PRO F 3 7.99 36.04 -45.45
CA PRO F 3 7.34 35.17 -44.46
C PRO F 3 6.87 35.94 -43.21
N ALA F 4 5.80 35.46 -42.55
CA ALA F 4 5.21 36.10 -41.36
C ALA F 4 6.14 35.94 -40.16
N VAL F 5 6.07 36.84 -39.17
CA VAL F 5 7.11 36.95 -38.12
C VAL F 5 6.60 36.36 -36.81
N VAL F 6 7.21 35.26 -36.38
CA VAL F 6 6.95 34.68 -35.03
C VAL F 6 7.43 35.68 -33.97
N HIS F 7 6.62 35.86 -32.91
CA HIS F 7 6.92 36.70 -31.72
C HIS F 7 7.35 35.81 -30.54
N SER F 8 8.41 36.21 -29.84
CA SER F 8 8.89 35.61 -28.58
C SER F 8 8.38 36.44 -27.41
N VAL F 9 8.28 35.82 -26.23
CA VAL F 9 8.17 36.50 -24.91
C VAL F 9 9.56 37.08 -24.60
N ARG F 10 9.64 38.33 -24.15
CA ARG F 10 10.92 38.94 -23.69
C ARG F 10 11.13 38.45 -22.26
N ALA F 11 12.38 38.33 -21.83
CA ALA F 11 12.75 37.86 -20.49
C ALA F 11 12.61 39.02 -19.50
N LEU F 12 12.64 38.70 -18.20
CA LEU F 12 12.43 39.64 -17.05
C LEU F 12 13.45 39.26 -15.97
N MET F 13 14.03 40.22 -15.25
CA MET F 13 15.20 39.96 -14.37
C MET F 13 14.71 39.50 -12.99
N LEU F 14 15.57 38.75 -12.30
CA LEU F 14 15.28 38.24 -10.94
C LEU F 14 15.92 39.20 -9.93
N ALA F 15 15.47 39.12 -8.68
CA ALA F 15 16.03 39.88 -7.53
C ALA F 15 17.17 39.06 -6.88
N GLU F 16 18.17 39.73 -6.29
CA GLU F 16 19.33 39.10 -5.57
C GLU F 16 19.08 39.14 -4.05
N ARG F 17 18.19 38.29 -3.52
CA ARG F 17 17.78 38.22 -2.09
C ARG F 17 18.91 37.63 -1.22
N GLN F 18 19.20 38.23 -0.05
CA GLN F 18 20.10 37.71 1.03
C GLN F 18 19.73 36.25 1.37
N GLY F 31 34.24 21.40 -9.04
CA GLY F 31 32.91 20.76 -9.19
C GLY F 31 31.80 21.78 -9.08
N GLY F 32 30.61 21.44 -9.57
CA GLY F 32 29.43 22.31 -9.53
C GLY F 32 28.74 22.39 -10.88
N SER F 33 27.41 22.31 -10.89
CA SER F 33 26.58 22.45 -12.10
C SER F 33 25.29 23.18 -11.75
N PHE F 34 25.03 24.26 -12.46
CA PHE F 34 23.87 25.13 -12.19
C PHE F 34 23.14 25.33 -13.49
N PHE F 35 21.83 25.41 -13.40
CA PHE F 35 20.95 25.42 -14.59
C PHE F 35 19.83 26.41 -14.27
N TYR F 36 19.70 27.44 -15.06
CA TYR F 36 18.48 28.27 -15.03
C TYR F 36 17.70 27.91 -16.28
N GLY F 37 16.38 27.91 -16.25
CA GLY F 37 15.58 27.55 -17.43
C GLY F 37 14.32 28.35 -17.47
N LYS F 38 13.71 28.45 -18.65
CA LYS F 38 12.55 29.34 -18.87
C LYS F 38 11.68 28.64 -19.91
N ILE F 39 10.41 28.40 -19.59
CA ILE F 39 9.50 27.71 -20.54
C ILE F 39 8.23 28.54 -20.63
N GLY F 40 7.95 29.10 -21.81
CA GLY F 40 6.74 29.88 -22.06
C GLY F 40 5.75 29.06 -22.84
N GLU F 41 4.60 28.73 -22.25
CA GLU F 41 3.64 27.74 -22.80
C GLU F 41 2.37 28.46 -23.25
N CYS F 42 2.13 28.47 -24.56
CA CYS F 42 0.90 29.04 -25.16
C CYS F 42 -0.09 27.90 -25.37
N HIS F 43 -0.76 27.48 -24.31
CA HIS F 43 -1.73 26.35 -24.34
C HIS F 43 -2.96 26.73 -25.17
N TYR F 44 -3.07 26.19 -26.38
CA TYR F 44 -4.25 26.42 -27.27
C TYR F 44 -5.30 25.36 -26.95
N LEU F 45 -6.51 25.81 -26.62
CA LEU F 45 -7.60 24.91 -26.16
C LEU F 45 -8.65 24.82 -27.26
N ASN F 46 -9.68 25.67 -27.24
CA ASN F 46 -10.68 25.76 -28.33
C ASN F 46 -10.04 26.49 -29.52
N GLY F 47 -8.83 26.10 -29.93
CA GLY F 47 -8.04 26.86 -30.91
C GLY F 47 -7.67 28.23 -30.37
N THR F 48 -7.97 29.31 -31.11
CA THR F 48 -7.70 30.70 -30.68
C THR F 48 -8.77 31.17 -29.67
N GLU F 49 -9.92 30.51 -29.63
CA GLU F 49 -11.07 30.95 -28.78
C GLU F 49 -10.67 30.93 -27.30
N ARG F 50 -10.02 29.86 -26.84
CA ARG F 50 -9.51 29.79 -25.45
C ARG F 50 -8.00 29.57 -25.50
N VAL F 51 -7.24 30.48 -24.89
CA VAL F 51 -5.76 30.39 -24.82
C VAL F 51 -5.34 30.68 -23.39
N ARG F 52 -4.44 29.88 -22.85
CA ARG F 52 -3.85 30.08 -21.50
C ARG F 52 -2.35 30.23 -21.68
N PHE F 53 -1.75 31.28 -21.13
CA PHE F 53 -0.28 31.49 -21.19
C PHE F 53 0.34 31.13 -19.85
N LEU F 54 1.29 30.20 -19.86
CA LEU F 54 2.01 29.77 -18.65
C LEU F 54 3.48 30.08 -18.87
N ASP F 55 4.09 30.84 -17.96
CA ASP F 55 5.55 31.14 -18.02
C ASP F 55 6.19 30.43 -16.82
N ARG F 56 7.05 29.45 -17.08
CA ARG F 56 7.66 28.63 -16.01
C ARG F 56 9.08 29.12 -15.77
N GLN F 57 9.43 29.39 -14.52
CA GLN F 57 10.80 29.79 -14.14
C GLN F 57 11.44 28.65 -13.35
N ILE F 58 12.56 28.11 -13.85
CA ILE F 58 13.15 26.86 -13.31
C ILE F 58 14.59 27.14 -12.90
N TYR F 59 15.01 26.65 -11.75
CA TYR F 59 16.44 26.60 -11.37
C TYR F 59 16.74 25.14 -11.06
N ASN F 60 17.89 24.64 -11.53
CA ASN F 60 18.24 23.21 -11.42
C ASN F 60 17.04 22.42 -11.90
N ARG F 61 16.46 21.49 -11.15
CA ARG F 61 15.29 20.77 -11.70
C ARG F 61 14.03 21.11 -10.92
N GLN F 62 13.90 22.36 -10.43
CA GLN F 62 12.72 22.79 -9.66
C GLN F 62 12.17 24.04 -10.32
N GLN F 63 10.86 24.08 -10.56
CA GLN F 63 10.14 25.31 -10.96
C GLN F 63 9.89 26.18 -9.72
N PHE F 64 10.59 27.33 -9.60
CA PHE F 64 10.47 28.22 -8.41
C PHE F 64 9.19 29.06 -8.50
N ALA F 65 8.75 29.44 -9.70
CA ALA F 65 7.57 30.31 -9.85
C ALA F 65 7.01 30.24 -11.26
N HIS F 66 5.75 30.61 -11.43
CA HIS F 66 5.07 30.56 -12.75
C HIS F 66 4.09 31.72 -12.83
N PHE F 67 3.82 32.21 -14.03
CA PHE F 67 2.73 33.17 -14.29
C PHE F 67 1.61 32.45 -15.03
N ASP F 68 0.39 32.52 -14.52
CA ASP F 68 -0.79 31.93 -15.21
C ASP F 68 -1.66 33.08 -15.73
N SER F 69 -1.88 33.15 -17.04
CA SER F 69 -2.77 34.17 -17.65
C SER F 69 -4.13 34.10 -16.96
N ASP F 70 -4.58 32.89 -16.62
CA ASP F 70 -5.90 32.67 -15.97
C ASP F 70 -5.88 33.27 -14.55
N VAL F 71 -4.80 33.06 -13.78
CA VAL F 71 -4.67 33.69 -12.44
C VAL F 71 -4.49 35.20 -12.64
N GLY F 72 -3.66 35.61 -13.61
CA GLY F 72 -3.35 37.03 -13.90
C GLY F 72 -2.12 37.53 -13.14
N LYS F 73 -1.59 36.73 -12.23
CA LYS F 73 -0.43 37.11 -11.38
C LYS F 73 0.57 35.95 -11.33
N PHE F 74 1.82 36.23 -11.01
CA PHE F 74 2.84 35.19 -10.76
C PHE F 74 2.48 34.43 -9.49
N VAL F 75 2.65 33.12 -9.49
CA VAL F 75 2.44 32.27 -8.28
C VAL F 75 3.79 31.63 -7.96
N ALA F 76 4.23 31.72 -6.71
CA ALA F 76 5.44 30.98 -6.25
C ALA F 76 5.06 29.49 -6.11
N ASP F 77 5.96 28.60 -6.53
CA ASP F 77 5.77 27.13 -6.47
C ASP F 77 6.77 26.56 -5.44
N THR F 78 7.85 27.29 -5.13
CA THR F 78 8.87 26.90 -4.12
C THR F 78 9.21 28.12 -3.27
N PRO F 79 9.92 27.95 -2.14
CA PRO F 79 10.34 29.09 -1.31
C PRO F 79 11.29 30.08 -2.01
N LEU F 80 12.23 29.60 -2.82
CA LEU F 80 13.15 30.49 -3.59
C LEU F 80 12.34 31.39 -4.52
N GLY F 81 11.21 30.89 -5.01
CA GLY F 81 10.32 31.63 -5.94
C GLY F 81 9.47 32.67 -5.23
N GLU F 82 9.40 32.63 -3.89
CA GLU F 82 8.52 33.56 -3.13
C GLU F 82 9.03 34.99 -3.30
N PRO F 83 10.32 35.31 -3.05
CA PRO F 83 10.80 36.67 -3.26
C PRO F 83 10.52 37.17 -4.68
N GLN F 84 10.76 36.31 -5.68
CA GLN F 84 10.71 36.69 -7.12
C GLN F 84 9.25 37.02 -7.48
N ALA F 85 8.29 36.23 -7.04
CA ALA F 85 6.87 36.41 -7.42
C ALA F 85 6.30 37.69 -6.80
N GLU F 86 6.74 38.01 -5.57
CA GLU F 86 6.33 39.25 -4.87
C GLU F 86 6.88 40.48 -5.61
N TYR F 87 8.15 40.43 -5.99
CA TYR F 87 8.86 41.52 -6.71
C TYR F 87 8.14 41.76 -8.06
N TRP F 88 7.89 40.71 -8.83
CA TRP F 88 7.27 40.82 -10.18
C TRP F 88 5.82 41.29 -10.08
N ASN F 89 5.09 40.81 -9.07
CA ASN F 89 3.66 41.15 -8.90
C ASN F 89 3.54 42.62 -8.48
N SER F 90 4.60 43.19 -7.89
CA SER F 90 4.67 44.61 -7.46
C SER F 90 4.55 45.54 -8.68
N ASN F 91 5.13 45.18 -9.82
CA ASN F 91 4.97 46.00 -11.07
C ASN F 91 3.70 45.56 -11.80
N ALA F 92 2.65 46.38 -11.76
CA ALA F 92 1.35 46.12 -12.43
C ALA F 92 1.53 46.17 -13.94
N GLU F 93 2.44 47.00 -14.44
CA GLU F 93 2.70 47.15 -15.89
C GLU F 93 3.22 45.82 -16.45
N LEU F 94 4.13 45.17 -15.72
CA LEU F 94 4.71 43.87 -16.14
C LEU F 94 3.57 42.86 -16.30
N LEU F 95 2.70 42.78 -15.29
CA LEU F 95 1.60 41.79 -15.26
C LEU F 95 0.67 42.01 -16.45
N GLU F 96 0.41 43.27 -16.79
CA GLU F 96 -0.44 43.64 -17.94
C GLU F 96 0.27 43.24 -19.23
N ASN F 97 1.58 43.45 -19.32
CA ASN F 97 2.41 43.10 -20.50
C ASN F 97 2.37 41.59 -20.74
N LEU F 98 2.49 40.80 -19.68
CA LEU F 98 2.43 39.32 -19.75
C LEU F 98 1.06 38.90 -20.26
N MET F 99 -0.01 39.53 -19.77
CA MET F 99 -1.40 39.24 -20.22
C MET F 99 -1.55 39.62 -21.69
N ASN F 100 -0.87 40.68 -22.13
CA ASN F 100 -0.87 41.12 -23.55
C ASN F 100 -0.22 40.02 -24.41
N GLU F 101 0.77 39.32 -23.88
CA GLU F 101 1.54 38.31 -24.64
C GLU F 101 0.61 37.17 -25.08
N VAL F 102 -0.53 36.97 -24.42
CA VAL F 102 -1.52 35.96 -24.89
C VAL F 102 -1.99 36.32 -26.30
N ASP F 103 -2.31 37.58 -26.55
CA ASP F 103 -2.70 38.04 -27.92
C ASP F 103 -1.44 38.24 -28.76
N ARG F 104 -0.39 38.85 -28.21
CA ARG F 104 0.81 39.23 -29.00
C ARG F 104 1.60 38.01 -29.44
N VAL F 105 1.78 37.01 -28.57
CA VAL F 105 2.63 35.82 -28.86
C VAL F 105 1.71 34.64 -29.19
N CYS F 106 0.88 34.24 -28.24
CA CYS F 106 0.11 32.97 -28.36
C CYS F 106 -0.84 33.03 -29.56
N ARG F 107 -1.68 34.06 -29.65
CA ARG F 107 -2.72 34.13 -30.71
C ARG F 107 -2.09 34.49 -32.06
N HIS F 108 -1.08 35.36 -32.07
CA HIS F 108 -0.39 35.79 -33.31
C HIS F 108 0.32 34.59 -33.92
N ASN F 109 1.05 33.85 -33.07
CA ASN F 109 1.87 32.69 -33.53
C ASN F 109 0.95 31.59 -34.05
N TYR F 110 -0.20 31.37 -33.40
CA TYR F 110 -1.13 30.28 -33.81
C TYR F 110 -1.53 30.54 -35.26
N GLY F 111 -1.87 31.78 -35.61
CA GLY F 111 -2.35 32.15 -36.96
C GLY F 111 -1.29 31.96 -38.01
N ILE F 112 -0.04 32.25 -37.67
CA ILE F 112 1.13 32.09 -38.59
C ILE F 112 1.44 30.60 -38.77
N LEU F 113 1.43 29.80 -37.70
CA LEU F 113 1.97 28.42 -37.73
C LEU F 113 0.87 27.36 -37.93
N GLU F 114 -0.41 27.74 -37.83
CA GLU F 114 -1.53 26.75 -37.87
C GLU F 114 -1.43 25.88 -39.12
N SER F 115 -1.15 26.47 -40.28
CA SER F 115 -1.21 25.77 -41.60
C SER F 115 -0.26 24.57 -41.62
N PHE F 116 0.96 24.69 -41.09
CA PHE F 116 2.00 23.63 -41.22
C PHE F 116 2.25 22.95 -39.87
N THR F 117 1.46 23.26 -38.83
CA THR F 117 1.57 22.55 -37.52
C THR F 117 0.25 21.85 -37.22
N VAL F 118 -0.77 22.62 -36.85
CA VAL F 118 -2.10 22.06 -36.43
C VAL F 118 -2.68 21.28 -37.62
N GLN F 119 -2.47 21.78 -38.83
CA GLN F 119 -3.10 21.18 -40.04
C GLN F 119 -2.08 20.34 -40.81
N ARG F 120 -0.91 20.07 -40.23
CA ARG F 120 0.07 19.17 -40.90
C ARG F 120 -0.60 17.79 -41.04
N SER F 121 -0.50 17.18 -42.22
CA SER F 121 -0.95 15.80 -42.45
C SER F 121 0.07 15.07 -43.33
N VAL F 122 0.69 14.02 -42.80
CA VAL F 122 1.60 13.12 -43.58
C VAL F 122 1.05 11.70 -43.47
N GLU F 123 0.83 11.05 -44.61
CA GLU F 123 0.14 9.74 -44.66
C GLU F 123 1.07 8.65 -44.16
N PRO F 124 0.55 7.70 -43.33
CA PRO F 124 1.34 6.58 -42.85
C PRO F 124 1.70 5.59 -43.96
N LYS F 125 2.90 5.01 -43.90
CA LYS F 125 3.32 3.92 -44.81
C LYS F 125 3.15 2.60 -44.05
N VAL F 126 2.43 1.64 -44.63
CA VAL F 126 2.11 0.36 -43.96
C VAL F 126 2.86 -0.79 -44.65
N ARG F 127 3.65 -1.54 -43.89
CA ARG F 127 4.36 -2.74 -44.38
C ARG F 127 4.05 -3.91 -43.44
N VAL F 128 3.83 -5.10 -43.98
CA VAL F 128 3.59 -6.33 -43.16
C VAL F 128 4.73 -7.30 -43.42
N SER F 129 5.34 -7.81 -42.35
CA SER F 129 6.49 -8.73 -42.41
C SER F 129 6.16 -9.95 -41.53
N ALA F 130 6.89 -11.02 -41.73
CA ALA F 130 6.72 -12.26 -40.94
C ALA F 130 7.97 -12.46 -40.09
N LEU F 131 7.77 -12.80 -38.81
CA LEU F 131 8.90 -13.00 -37.87
C LEU F 131 8.96 -14.49 -37.52
N GLN F 132 10.17 -15.05 -37.57
CA GLN F 132 10.38 -16.48 -37.28
C GLN F 132 10.40 -16.66 -35.76
N SER F 133 9.86 -17.78 -35.27
CA SER F 133 9.87 -18.16 -33.84
C SER F 133 11.33 -18.31 -33.42
N GLY F 134 11.61 -18.13 -32.14
CA GLY F 134 12.94 -18.45 -31.59
C GLY F 134 13.06 -19.89 -31.16
N SER F 135 11.97 -20.68 -31.20
CA SER F 135 11.95 -22.06 -30.66
C SER F 135 11.43 -23.05 -31.70
N LEU F 136 10.87 -22.55 -32.81
CA LEU F 136 10.27 -23.43 -33.85
C LEU F 136 10.74 -22.96 -35.22
N PRO F 137 10.88 -23.88 -36.20
CA PRO F 137 11.18 -23.49 -37.59
C PRO F 137 9.96 -23.01 -38.37
N GLU F 138 9.26 -21.99 -37.89
CA GLU F 138 8.01 -21.49 -38.51
C GLU F 138 7.87 -20.01 -38.14
N THR F 139 7.06 -19.27 -38.88
CA THR F 139 6.69 -17.89 -38.55
C THR F 139 5.69 -17.94 -37.40
N ASP F 140 5.90 -17.16 -36.32
CA ASP F 140 4.97 -17.17 -35.16
C ASP F 140 4.31 -15.81 -35.00
N ARG F 141 4.82 -14.79 -35.67
CA ARG F 141 4.34 -13.39 -35.48
C ARG F 141 4.25 -12.72 -36.85
N LEU F 142 3.19 -11.96 -37.04
CA LEU F 142 3.05 -11.08 -38.23
C LEU F 142 3.22 -9.65 -37.73
N ALA F 143 4.11 -8.87 -38.35
CA ALA F 143 4.47 -7.52 -37.86
C ALA F 143 3.95 -6.44 -38.80
N CYS F 144 3.13 -5.53 -38.27
CA CYS F 144 2.65 -4.34 -39.02
C CYS F 144 3.51 -3.12 -38.63
N TYR F 145 4.40 -2.72 -39.52
CA TYR F 145 5.20 -1.47 -39.37
C TYR F 145 4.43 -0.32 -40.02
N VAL F 146 3.99 0.65 -39.23
CA VAL F 146 3.32 1.89 -39.72
C VAL F 146 4.28 3.07 -39.50
N THR F 147 4.67 3.77 -40.55
CA THR F 147 5.80 4.73 -40.47
C THR F 147 5.48 6.08 -41.14
N GLY F 148 6.25 7.11 -40.74
CA GLY F 148 6.31 8.43 -41.43
C GLY F 148 5.05 9.26 -41.27
N PHE F 149 4.31 9.08 -40.16
CA PHE F 149 2.96 9.69 -40.07
C PHE F 149 2.99 10.91 -39.13
N TYR F 150 2.22 11.93 -39.51
CA TYR F 150 1.81 13.08 -38.64
C TYR F 150 0.36 13.37 -38.99
N PRO F 151 -0.57 13.60 -38.02
CA PRO F 151 -0.29 13.70 -36.58
C PRO F 151 0.01 12.37 -35.86
N PRO F 152 0.50 12.42 -34.60
CA PRO F 152 0.89 11.21 -33.87
C PRO F 152 -0.22 10.18 -33.56
N GLU F 153 -1.45 10.64 -33.36
CA GLU F 153 -2.60 9.74 -33.02
C GLU F 153 -2.94 8.85 -34.22
N ILE F 154 -3.09 7.55 -33.99
CA ILE F 154 -3.33 6.54 -35.07
C ILE F 154 -4.10 5.34 -34.50
N GLU F 155 -4.84 4.67 -35.36
CA GLU F 155 -5.55 3.42 -35.00
C GLU F 155 -5.03 2.31 -35.91
N VAL F 156 -4.42 1.27 -35.32
CA VAL F 156 -3.87 0.12 -36.09
C VAL F 156 -4.46 -1.16 -35.51
N LYS F 157 -5.17 -1.93 -36.34
CA LYS F 157 -5.86 -3.17 -35.90
C LYS F 157 -5.47 -4.32 -36.84
N TRP F 158 -5.39 -5.52 -36.30
CA TRP F 158 -5.10 -6.77 -37.06
C TRP F 158 -6.40 -7.54 -37.23
N PHE F 159 -6.77 -7.86 -38.48
CA PHE F 159 -8.01 -8.62 -38.79
C PHE F 159 -7.63 -9.97 -39.38
N LEU F 160 -8.02 -11.04 -38.67
CA LEU F 160 -7.80 -12.43 -39.12
C LEU F 160 -9.11 -12.98 -39.66
N ASN F 161 -9.18 -13.19 -40.99
CA ASN F 161 -10.41 -13.65 -41.68
C ASN F 161 -11.55 -12.70 -41.28
N GLY F 162 -11.29 -11.38 -41.30
CA GLY F 162 -12.32 -10.36 -41.07
C GLY F 162 -12.73 -10.23 -39.62
N ARG F 163 -12.08 -10.94 -38.70
CA ARG F 163 -12.36 -10.83 -37.24
C ARG F 163 -11.16 -10.18 -36.54
N GLU F 164 -11.40 -9.12 -35.77
CA GLU F 164 -10.34 -8.36 -35.05
C GLU F 164 -9.83 -9.22 -33.89
N GLU F 165 -8.51 -9.32 -33.74
CA GLU F 165 -7.88 -10.07 -32.63
C GLU F 165 -7.23 -9.05 -31.70
N THR F 166 -7.52 -9.12 -30.41
CA THR F 166 -6.93 -8.19 -29.42
C THR F 166 -5.93 -8.98 -28.58
N GLU F 167 -6.35 -10.16 -28.12
CA GLU F 167 -5.60 -11.01 -27.15
C GLU F 167 -4.25 -11.43 -27.72
N ARG F 168 -4.14 -11.56 -29.05
CA ARG F 168 -2.86 -12.04 -29.68
C ARG F 168 -2.12 -10.88 -30.35
N VAL F 169 -2.53 -9.62 -30.12
CA VAL F 169 -1.78 -8.45 -30.68
C VAL F 169 -1.11 -7.67 -29.55
N VAL F 170 0.19 -7.41 -29.71
CA VAL F 170 0.99 -6.57 -28.79
C VAL F 170 1.51 -5.37 -29.59
N SER F 171 1.27 -4.16 -29.10
CA SER F 171 1.63 -2.92 -29.83
C SER F 171 2.77 -2.22 -29.07
N THR F 172 3.75 -1.68 -29.80
CA THR F 172 4.79 -0.79 -29.22
C THR F 172 4.11 0.55 -28.92
N ASP F 173 4.69 1.38 -28.08
CA ASP F 173 4.21 2.78 -27.99
C ASP F 173 4.42 3.41 -29.39
N VAL F 174 3.65 4.47 -29.71
CA VAL F 174 3.95 5.33 -30.89
C VAL F 174 5.27 6.05 -30.61
N MET F 175 6.24 5.92 -31.51
CA MET F 175 7.60 6.44 -31.26
C MET F 175 7.76 7.75 -32.01
N GLN F 176 8.40 8.74 -31.38
CA GLN F 176 8.75 10.01 -32.05
C GLN F 176 10.03 9.76 -32.86
N ASN F 177 9.97 9.99 -34.18
CA ASN F 177 11.18 9.98 -35.03
C ASN F 177 11.96 11.27 -34.81
N GLY F 178 11.30 12.36 -34.41
CA GLY F 178 11.96 13.66 -34.10
C GLY F 178 12.08 14.56 -35.31
N ASP F 179 11.54 14.13 -36.46
CA ASP F 179 11.61 14.86 -37.76
C ASP F 179 10.19 15.33 -38.11
N TRP F 180 9.32 15.40 -37.12
CA TRP F 180 7.86 15.68 -37.32
C TRP F 180 7.15 14.47 -37.94
N THR F 181 7.73 13.27 -37.84
CA THR F 181 7.05 12.00 -38.23
C THR F 181 7.01 11.08 -37.01
N TYR F 182 6.10 10.12 -37.01
CA TYR F 182 5.97 9.12 -35.92
C TYR F 182 5.88 7.71 -36.52
N GLN F 183 6.13 6.69 -35.71
CA GLN F 183 6.09 5.28 -36.19
C GLN F 183 5.47 4.41 -35.09
N VAL F 184 4.87 3.29 -35.47
CA VAL F 184 4.34 2.29 -34.50
C VAL F 184 4.50 0.88 -35.08
N LEU F 185 4.66 -0.12 -34.21
CA LEU F 185 4.70 -1.54 -34.63
C LEU F 185 3.61 -2.31 -33.89
N VAL F 186 2.72 -3.00 -34.62
CA VAL F 186 1.68 -3.87 -34.01
C VAL F 186 1.94 -5.30 -34.49
N VAL F 187 2.12 -6.24 -33.54
CA VAL F 187 2.51 -7.65 -33.86
C VAL F 187 1.37 -8.58 -33.45
N LEU F 188 0.97 -9.45 -34.38
CA LEU F 188 -0.08 -10.48 -34.15
C LEU F 188 0.62 -11.81 -33.98
N GLU F 189 0.36 -12.51 -32.88
CA GLU F 189 0.84 -13.90 -32.69
C GLU F 189 -0.06 -14.80 -33.55
N THR F 190 0.50 -15.40 -34.59
CA THR F 190 -0.27 -16.31 -35.46
C THR F 190 0.73 -17.14 -36.26
N VAL F 191 0.35 -18.37 -36.61
CA VAL F 191 1.12 -19.20 -37.57
C VAL F 191 0.41 -19.05 -38.90
N PRO F 192 1.07 -18.47 -39.92
CA PRO F 192 0.46 -18.21 -41.22
C PRO F 192 0.31 -19.43 -42.14
N ARG F 193 -0.86 -19.55 -42.80
CA ARG F 193 -1.12 -20.61 -43.81
C ARG F 193 -1.76 -19.99 -45.06
N ARG F 194 -1.51 -20.59 -46.24
CA ARG F 194 -1.82 -19.96 -47.55
C ARG F 194 -3.30 -19.57 -47.70
N GLY F 195 -4.23 -20.36 -47.15
CA GLY F 195 -5.67 -20.12 -47.29
C GLY F 195 -6.15 -18.90 -46.50
N ASP F 196 -5.69 -18.73 -45.27
CA ASP F 196 -6.27 -17.73 -44.32
C ASP F 196 -5.86 -16.31 -44.74
N SER F 197 -6.66 -15.32 -44.33
CA SER F 197 -6.47 -13.89 -44.67
C SER F 197 -5.93 -13.13 -43.45
N TYR F 198 -4.79 -12.46 -43.61
CA TYR F 198 -4.17 -11.63 -42.55
C TYR F 198 -4.09 -10.19 -43.04
N VAL F 199 -4.82 -9.28 -42.40
CA VAL F 199 -4.95 -7.86 -42.86
C VAL F 199 -4.63 -6.90 -41.71
N CYS F 200 -3.76 -5.93 -41.97
CA CYS F 200 -3.46 -4.81 -41.03
C CYS F 200 -4.21 -3.56 -41.52
N ARG F 201 -5.12 -3.03 -40.72
CA ARG F 201 -5.96 -1.88 -41.12
C ARG F 201 -5.56 -0.65 -40.30
N VAL F 202 -5.12 0.40 -40.99
CA VAL F 202 -4.64 1.65 -40.35
C VAL F 202 -5.67 2.75 -40.63
N GLU F 203 -6.08 3.44 -39.57
CA GLU F 203 -7.01 4.60 -39.66
C GLU F 203 -6.29 5.84 -39.14
N HIS F 204 -6.29 6.92 -39.93
CA HIS F 204 -5.53 8.16 -39.62
C HIS F 204 -6.23 9.37 -40.23
N ALA F 205 -6.03 10.55 -39.64
CA ALA F 205 -6.64 11.80 -40.13
C ALA F 205 -6.21 12.05 -41.58
N SER F 206 -4.97 11.68 -41.92
CA SER F 206 -4.41 11.84 -43.28
C SER F 206 -5.18 10.98 -44.30
N LEU F 207 -5.72 9.84 -43.87
CA LEU F 207 -6.40 8.89 -44.78
C LEU F 207 -7.92 9.12 -44.72
N ARG F 208 -8.54 9.49 -45.85
CA ARG F 208 -10.02 9.61 -45.96
C ARG F 208 -10.65 8.22 -45.79
N GLN F 209 -10.10 7.22 -46.49
CA GLN F 209 -10.53 5.80 -46.40
C GLN F 209 -9.39 4.98 -45.81
N PRO F 210 -9.67 4.08 -44.83
CA PRO F 210 -8.62 3.33 -44.16
C PRO F 210 -7.72 2.52 -45.11
N ILE F 211 -6.46 2.34 -44.74
CA ILE F 211 -5.50 1.51 -45.53
C ILE F 211 -5.54 0.09 -44.97
N SER F 212 -5.74 -0.91 -45.83
CA SER F 212 -5.70 -2.35 -45.46
C SER F 212 -4.51 -2.99 -46.18
N GLN F 213 -3.50 -3.41 -45.42
CA GLN F 213 -2.33 -4.09 -46.00
C GLN F 213 -2.45 -5.57 -45.65
N ALA F 214 -2.32 -6.45 -46.64
CA ALA F 214 -2.52 -7.90 -46.42
C ALA F 214 -1.18 -8.61 -46.62
N TRP F 215 -0.96 -9.67 -45.85
CA TRP F 215 0.26 -10.51 -46.02
C TRP F 215 -0.08 -11.68 -46.94
N GLU F 216 0.82 -11.99 -47.87
CA GLU F 216 0.68 -13.17 -48.78
C GLU F 216 1.86 -14.11 -48.56
N PRO F 217 1.63 -15.42 -48.31
CA PRO F 217 2.72 -16.38 -48.16
C PRO F 217 3.13 -16.98 -49.51
#